data_6N3R
#
_entry.id   6N3R
#
_cell.length_a   96.110
_cell.length_b   127.430
_cell.length_c   140.330
_cell.angle_alpha   90.000
_cell.angle_beta   90.000
_cell.angle_gamma   90.000
#
_symmetry.space_group_name_H-M   'P 21 21 21'
#
loop_
_entity.id
_entity.type
_entity.pdbx_description
1 polymer Galectin
2 non-polymer beta-D-galactopyranose
3 water water
#
_entity_poly.entity_id   1
_entity_poly.type   'polypeptide(L)'
_entity_poly.pdbx_seq_one_letter_code
;PGMDSLPNPYLQSVSLTVCYMVKIKANLLSPFGKNPELQVDFGTGTGQGGDIPFRFWYCDGIVVMNTLKDGSWGKEQKLH
TEAFVPGQPFELQFLVLENEYQVFVNNKPICQFAHRLPLQSVKMLDVRGDIVLTSVDTL
;
_entity_poly.pdbx_strand_id   A,B,C,D,E,F,G,H
#
# COMPACT_ATOMS: atom_id res chain seq x y z
N PRO A 1 1.12 -2.37 -11.31
CA PRO A 1 1.31 -0.95 -11.62
C PRO A 1 0.56 -0.04 -10.64
N GLY A 2 -0.20 -0.66 -9.73
CA GLY A 2 -1.02 0.09 -8.80
C GLY A 2 -0.21 0.56 -7.59
N MET A 3 -0.53 1.77 -7.14
CA MET A 3 0.19 2.36 -6.02
C MET A 3 -0.70 3.41 -5.36
N ASP A 4 -0.53 3.55 -4.04
CA ASP A 4 -1.29 4.52 -3.28
C ASP A 4 -0.80 5.94 -3.58
N SER A 5 -1.73 6.88 -3.64
CA SER A 5 -1.35 8.25 -3.94
C SER A 5 -2.39 9.20 -3.37
N LEU A 6 -2.00 10.44 -3.21
CA LEU A 6 -2.80 11.47 -2.59
C LEU A 6 -3.71 12.12 -3.62
N PRO A 7 -4.79 12.76 -3.18
CA PRO A 7 -5.59 13.57 -4.10
C PRO A 7 -4.72 14.58 -4.84
N ASN A 8 -5.11 14.88 -6.07
CA ASN A 8 -4.41 15.84 -6.91
C ASN A 8 -5.46 16.67 -7.65
N PRO A 9 -5.57 17.96 -7.32
CA PRO A 9 -4.73 18.75 -6.41
C PRO A 9 -4.84 18.41 -4.90
N TYR A 10 -3.72 18.65 -4.23
CA TYR A 10 -3.55 18.43 -2.81
C TYR A 10 -3.59 19.79 -2.11
N LEU A 11 -4.40 19.89 -1.06
CA LEU A 11 -4.51 21.12 -0.29
C LEU A 11 -4.11 20.84 1.15
N GLN A 12 -3.45 21.80 1.77
CA GLN A 12 -3.15 21.68 3.19
C GLN A 12 -3.02 23.07 3.80
N SER A 13 -3.88 23.35 4.79
CA SER A 13 -3.72 24.56 5.60
C SER A 13 -2.38 24.53 6.32
N VAL A 14 -1.68 25.67 6.32
CA VAL A 14 -0.36 25.79 6.93
C VAL A 14 -0.22 27.12 7.68
N SER A 15 0.75 27.15 8.60
CA SER A 15 1.30 28.40 9.15
C SER A 15 2.80 28.31 9.04
N LEU A 16 3.39 29.14 8.18
CA LEU A 16 4.83 29.10 7.99
C LEU A 16 5.55 29.77 9.15
N THR A 17 6.83 29.47 9.29
CA THR A 17 7.73 30.15 10.19
C THR A 17 9.01 30.47 9.44
N VAL A 18 9.95 31.09 10.16
CA VAL A 18 11.28 31.33 9.61
C VAL A 18 12.14 30.06 9.60
N CYS A 19 11.59 28.95 10.05
CA CYS A 19 12.32 27.69 9.98
C CYS A 19 11.28 26.59 9.75
N TYR A 20 10.96 26.36 8.50
CA TYR A 20 9.81 25.57 8.10
C TYR A 20 10.15 24.82 6.82
N MET A 21 9.73 23.56 6.74
CA MET A 21 10.10 22.71 5.63
C MET A 21 8.88 22.00 5.08
N VAL A 22 8.77 21.98 3.75
CA VAL A 22 7.80 21.17 3.02
C VAL A 22 8.59 20.17 2.20
N LYS A 23 8.21 18.90 2.27
CA LYS A 23 8.83 17.86 1.48
C LYS A 23 7.76 17.13 0.68
N ILE A 24 7.86 17.23 -0.64
CA ILE A 24 6.93 16.63 -1.58
C ILE A 24 7.64 15.49 -2.30
N LYS A 25 6.96 14.35 -2.39
CA LYS A 25 7.46 13.20 -3.14
C LYS A 25 6.43 12.88 -4.23
N ALA A 26 6.89 12.89 -5.49
CA ALA A 26 5.96 12.80 -6.61
C ALA A 26 6.67 12.21 -7.83
N ASN A 27 5.89 11.92 -8.86
CA ASN A 27 6.41 11.44 -10.13
C ASN A 27 5.65 12.10 -11.29
N LEU A 28 6.38 12.56 -12.29
CA LEU A 28 5.74 13.17 -13.44
C LEU A 28 5.07 12.11 -14.30
N LEU A 29 3.88 12.46 -14.79
CA LEU A 29 3.14 11.61 -15.70
C LEU A 29 3.57 11.90 -17.14
N SER A 30 3.01 11.14 -18.08
CA SER A 30 3.17 11.38 -19.53
C SER A 30 1.78 11.69 -20.09
N PRO A 31 1.31 12.92 -19.93
CA PRO A 31 -0.05 13.24 -20.40
C PRO A 31 -0.15 13.07 -21.91
N PHE A 32 -1.34 12.72 -22.37
CA PHE A 32 -1.65 12.66 -23.80
C PHE A 32 -1.40 14.03 -24.43
N GLY A 33 -0.39 14.11 -25.29
CA GLY A 33 -0.26 15.27 -26.13
C GLY A 33 0.21 16.56 -25.48
N LYS A 34 0.88 16.49 -24.32
CA LYS A 34 1.48 17.68 -23.74
CA LYS A 34 1.49 17.68 -23.75
C LYS A 34 2.58 17.27 -22.78
N ASN A 35 3.41 18.23 -22.41
CA ASN A 35 4.45 17.99 -21.42
C ASN A 35 3.87 18.12 -20.00
N PRO A 36 4.25 17.23 -19.09
CA PRO A 36 3.72 17.31 -17.72
C PRO A 36 4.19 18.58 -17.02
N GLU A 37 3.28 19.19 -16.26
CA GLU A 37 3.56 20.37 -15.45
C GLU A 37 3.45 20.05 -13.96
N LEU A 38 4.14 20.86 -13.17
CA LEU A 38 4.12 20.76 -11.71
C LEU A 38 3.94 22.16 -11.14
N GLN A 39 3.00 22.32 -10.21
CA GLN A 39 2.75 23.65 -9.63
C GLN A 39 2.53 23.55 -8.14
N VAL A 40 3.28 24.36 -7.39
CA VAL A 40 3.15 24.42 -5.93
C VAL A 40 2.88 25.87 -5.53
N ASP A 41 1.75 26.10 -4.87
CA ASP A 41 1.32 27.41 -4.42
C ASP A 41 1.42 27.49 -2.90
N PHE A 42 2.12 28.50 -2.41
CA PHE A 42 2.03 28.93 -1.02
C PHE A 42 1.07 30.12 -1.06
N GLY A 43 -0.21 29.84 -0.87
CA GLY A 43 -1.26 30.82 -1.05
C GLY A 43 -1.83 31.34 0.26
N THR A 44 -2.57 32.45 0.14
CA THR A 44 -3.25 33.02 1.28
C THR A 44 -4.59 32.36 1.56
N GLY A 45 -5.08 31.52 0.66
CA GLY A 45 -6.33 30.85 0.92
C GLY A 45 -7.51 31.77 1.15
N THR A 46 -7.46 32.99 0.63
CA THR A 46 -8.55 33.94 0.73
C THR A 46 -9.52 33.82 -0.44
N GLY A 47 -9.59 32.66 -1.09
CA GLY A 47 -10.48 32.42 -2.21
C GLY A 47 -9.82 32.61 -3.55
N GLN A 48 -10.63 32.50 -4.61
CA GLN A 48 -10.13 32.72 -5.96
C GLN A 48 -9.72 34.18 -6.14
N GLY A 49 -8.57 34.39 -6.77
CA GLY A 49 -8.00 35.72 -6.92
C GLY A 49 -7.24 36.25 -5.73
N GLY A 50 -7.33 35.60 -4.56
CA GLY A 50 -6.54 36.03 -3.42
C GLY A 50 -5.05 35.96 -3.70
N ASP A 51 -4.28 36.67 -2.88
CA ASP A 51 -2.84 36.75 -3.06
C ASP A 51 -2.18 35.37 -3.01
N ILE A 52 -1.13 35.21 -3.81
CA ILE A 52 -0.27 34.03 -3.76
C ILE A 52 1.15 34.51 -3.55
N PRO A 53 1.61 34.56 -2.30
CA PRO A 53 2.99 35.03 -2.04
C PRO A 53 4.07 34.32 -2.86
N PHE A 54 3.89 33.04 -3.21
CA PHE A 54 4.97 32.30 -3.88
C PHE A 54 4.36 31.14 -4.66
N ARG A 55 4.43 31.20 -5.99
CA ARG A 55 4.07 30.10 -6.86
C ARG A 55 5.34 29.53 -7.48
N PHE A 56 5.47 28.20 -7.44
CA PHE A 56 6.57 27.50 -8.07
C PHE A 56 5.98 26.68 -9.20
N TRP A 57 6.38 26.97 -10.43
CA TRP A 57 5.84 26.28 -11.59
C TRP A 57 6.99 25.69 -12.37
N TYR A 58 6.84 24.44 -12.79
CA TYR A 58 7.85 23.76 -13.57
C TYR A 58 7.20 23.12 -14.79
N CYS A 59 7.86 23.22 -15.95
CA CYS A 59 7.48 22.38 -17.09
C CYS A 59 8.62 22.34 -18.08
N ASP A 60 9.01 21.13 -18.49
CA ASP A 60 9.87 20.93 -19.66
C ASP A 60 11.18 21.69 -19.55
N GLY A 61 11.89 21.47 -18.45
CA GLY A 61 13.18 22.08 -18.24
C GLY A 61 13.17 23.50 -17.72
N ILE A 62 12.00 24.08 -17.46
CA ILE A 62 11.87 25.48 -17.08
C ILE A 62 11.16 25.57 -15.73
N VAL A 63 11.77 26.34 -14.80
CA VAL A 63 11.10 26.77 -13.59
C VAL A 63 10.72 28.23 -13.75
N VAL A 64 9.49 28.56 -13.33
CA VAL A 64 9.05 29.94 -13.25
C VAL A 64 8.49 30.15 -11.85
N MET A 65 9.00 31.15 -11.14
CA MET A 65 8.46 31.52 -9.83
C MET A 65 7.97 32.95 -9.89
N ASN A 66 6.96 33.25 -9.06
CA ASN A 66 6.33 34.55 -9.14
C ASN A 66 5.41 34.70 -7.94
N THR A 67 4.86 35.91 -7.79
CA THR A 67 3.99 36.31 -6.70
C THR A 67 2.76 36.99 -7.27
N LEU A 68 1.58 36.61 -6.78
CA LEU A 68 0.33 37.24 -7.16
C LEU A 68 -0.09 38.17 -6.03
N LYS A 69 -0.13 39.47 -6.32
CA LYS A 69 -0.33 40.50 -5.30
C LYS A 69 -1.37 41.47 -5.82
N ASP A 70 -2.53 41.53 -5.15
CA ASP A 70 -3.61 42.46 -5.49
C ASP A 70 -4.06 42.28 -6.94
N GLY A 71 -4.28 41.02 -7.31
CA GLY A 71 -4.70 40.68 -8.65
C GLY A 71 -3.63 40.81 -9.71
N SER A 72 -2.40 41.12 -9.34
CA SER A 72 -1.35 41.31 -10.33
C SER A 72 -0.20 40.32 -10.09
N TRP A 73 0.24 39.65 -11.15
CA TRP A 73 1.45 38.86 -11.08
C TRP A 73 2.65 39.76 -11.32
N GLY A 74 3.72 39.53 -10.58
CA GLY A 74 4.91 40.35 -10.63
C GLY A 74 5.89 39.91 -11.70
N LYS A 75 7.15 40.28 -11.48
CA LYS A 75 8.21 39.92 -12.40
C LYS A 75 8.68 38.50 -12.16
N GLU A 76 8.68 37.68 -13.22
CA GLU A 76 9.03 36.27 -13.09
C GLU A 76 10.51 36.09 -12.76
N GLN A 77 10.79 35.12 -11.89
CA GLN A 77 12.12 34.58 -11.75
C GLN A 77 12.12 33.22 -12.46
N LYS A 78 13.00 33.08 -13.42
CA LYS A 78 12.91 32.02 -14.41
C LYS A 78 14.29 31.38 -14.56
N LEU A 79 14.33 30.06 -14.58
CA LEU A 79 15.60 29.39 -14.76
C LEU A 79 15.36 28.06 -15.45
N HIS A 80 16.46 27.49 -15.96
CA HIS A 80 16.48 26.16 -16.53
C HIS A 80 17.05 25.19 -15.50
N THR A 81 16.49 23.99 -15.48
CA THR A 81 17.01 22.93 -14.62
C THR A 81 16.75 21.60 -15.29
N GLU A 82 17.63 20.65 -15.05
CA GLU A 82 17.45 19.28 -15.50
C GLU A 82 17.00 18.36 -14.37
N ALA A 83 16.63 18.93 -13.22
CA ALA A 83 16.43 18.14 -12.02
C ALA A 83 15.24 17.17 -12.13
N PHE A 84 14.20 17.53 -12.88
CA PHE A 84 12.98 16.72 -12.96
C PHE A 84 13.07 15.77 -14.17
N VAL A 85 13.57 14.57 -13.95
CA VAL A 85 13.65 13.58 -15.01
C VAL A 85 12.31 12.87 -15.15
N PRO A 86 11.67 12.95 -16.31
CA PRO A 86 10.41 12.23 -16.52
C PRO A 86 10.52 10.75 -16.19
N GLY A 87 9.41 10.19 -15.67
CA GLY A 87 9.35 8.81 -15.20
C GLY A 87 10.08 8.51 -13.92
N GLN A 88 11.01 9.38 -13.46
CA GLN A 88 11.77 9.12 -12.24
C GLN A 88 11.13 9.81 -11.05
N PRO A 89 10.81 9.11 -9.98
CA PRO A 89 10.31 9.79 -8.77
C PRO A 89 11.33 10.80 -8.30
N PHE A 90 10.84 11.93 -7.80
CA PHE A 90 11.69 12.99 -7.30
C PHE A 90 11.23 13.41 -5.91
N GLU A 91 12.15 14.02 -5.19
CA GLU A 91 11.86 14.63 -3.90
C GLU A 91 12.06 16.12 -4.04
N LEU A 92 11.02 16.90 -3.79
CA LEU A 92 11.05 18.35 -3.91
C LEU A 92 10.87 18.96 -2.52
N GLN A 93 11.81 19.81 -2.12
CA GLN A 93 11.80 20.41 -0.81
C GLN A 93 11.72 21.93 -0.92
N PHE A 94 10.87 22.53 -0.10
CA PHE A 94 10.86 23.97 0.10
C PHE A 94 11.28 24.24 1.53
N LEU A 95 12.27 25.10 1.69
CA LEU A 95 12.72 25.54 3.01
C LEU A 95 12.33 27.00 3.17
N VAL A 96 11.51 27.29 4.18
CA VAL A 96 11.09 28.65 4.44
C VAL A 96 12.02 29.25 5.50
N LEU A 97 12.82 30.22 5.09
CA LEU A 97 13.68 30.98 5.99
C LEU A 97 13.14 32.40 6.11
N GLU A 98 13.70 33.17 7.05
CA GLU A 98 13.20 34.53 7.27
C GLU A 98 13.32 35.40 6.01
N ASN A 99 14.33 35.14 5.18
CA ASN A 99 14.64 36.00 4.05
C ASN A 99 14.19 35.43 2.70
N GLU A 100 14.00 34.12 2.57
CA GLU A 100 13.74 33.54 1.25
C GLU A 100 13.16 32.14 1.41
N TYR A 101 12.58 31.64 0.32
CA TYR A 101 12.39 30.21 0.15
C TYR A 101 13.62 29.64 -0.53
N GLN A 102 14.05 28.47 -0.07
CA GLN A 102 15.08 27.70 -0.73
C GLN A 102 14.45 26.42 -1.27
N VAL A 103 14.84 26.05 -2.48
CA VAL A 103 14.21 24.94 -3.19
C VAL A 103 15.27 23.89 -3.46
N PHE A 104 14.94 22.63 -3.15
CA PHE A 104 15.84 21.50 -3.36
C PHE A 104 15.08 20.42 -4.10
N VAL A 105 15.78 19.74 -5.01
CA VAL A 105 15.26 18.55 -5.66
C VAL A 105 16.30 17.46 -5.48
N ASN A 106 15.88 16.33 -4.93
CA ASN A 106 16.76 15.18 -4.73
C ASN A 106 18.05 15.58 -4.01
N ASN A 107 17.88 16.39 -2.95
CA ASN A 107 18.93 16.82 -2.03
C ASN A 107 19.93 17.77 -2.66
N LYS A 108 19.56 18.45 -3.76
CA LYS A 108 20.44 19.40 -4.39
C LYS A 108 19.75 20.75 -4.51
N PRO A 109 20.47 21.84 -4.24
CA PRO A 109 19.85 23.17 -4.36
C PRO A 109 19.57 23.51 -5.82
N ILE A 110 18.37 24.03 -6.08
CA ILE A 110 17.91 24.39 -7.41
C ILE A 110 17.84 25.90 -7.58
N CYS A 111 17.22 26.60 -6.64
CA CYS A 111 16.97 28.03 -6.76
C CYS A 111 16.42 28.52 -5.43
N GLN A 112 16.40 29.83 -5.29
CA GLN A 112 15.90 30.48 -4.09
C GLN A 112 14.98 31.62 -4.51
N PHE A 113 14.04 31.98 -3.63
CA PHE A 113 13.05 32.99 -3.94
C PHE A 113 12.91 33.92 -2.74
N ALA A 114 13.38 35.15 -2.89
CA ALA A 114 13.28 36.14 -1.83
C ALA A 114 11.82 36.45 -1.54
N HIS A 115 11.47 36.55 -0.26
CA HIS A 115 10.09 36.85 0.10
C HIS A 115 9.66 38.19 -0.50
N ARG A 116 8.51 38.18 -1.17
CA ARG A 116 7.87 39.41 -1.64
C ARG A 116 6.63 39.78 -0.85
N LEU A 117 5.96 38.82 -0.23
CA LEU A 117 4.86 39.02 0.70
C LEU A 117 5.23 38.29 1.98
N PRO A 118 4.68 38.71 3.13
CA PRO A 118 5.12 38.09 4.39
C PRO A 118 4.82 36.59 4.39
N LEU A 119 5.83 35.81 4.77
CA LEU A 119 5.60 34.38 4.90
C LEU A 119 4.46 34.09 5.87
N GLN A 120 4.17 35.03 6.78
CA GLN A 120 3.10 34.87 7.75
C GLN A 120 1.72 34.95 7.12
N SER A 121 1.60 35.41 5.88
CA SER A 121 0.30 35.49 5.25
C SER A 121 -0.04 34.24 4.44
N VAL A 122 0.91 33.34 4.23
CA VAL A 122 0.59 32.06 3.61
C VAL A 122 -0.31 31.26 4.55
N LYS A 123 -1.43 30.79 4.03
CA LYS A 123 -2.36 29.99 4.82
C LYS A 123 -2.69 28.65 4.20
N MET A 124 -2.34 28.44 2.93
CA MET A 124 -2.81 27.27 2.18
C MET A 124 -1.70 26.81 1.27
N LEU A 125 -1.24 25.58 1.45
CA LEU A 125 -0.35 24.95 0.49
C LEU A 125 -1.16 24.18 -0.56
N ASP A 126 -0.74 24.29 -1.82
CA ASP A 126 -1.49 23.73 -2.93
C ASP A 126 -0.51 23.07 -3.89
N VAL A 127 -0.61 21.75 -4.06
CA VAL A 127 0.28 20.97 -4.91
C VAL A 127 -0.57 20.31 -5.99
N ARG A 128 -0.16 20.47 -7.25
CA ARG A 128 -0.97 19.94 -8.33
C ARG A 128 -0.11 19.81 -9.58
N GLY A 129 -0.62 19.07 -10.56
CA GLY A 129 0.00 18.99 -11.86
C GLY A 129 -0.23 17.63 -12.50
N ASP A 130 0.49 17.39 -13.59
CA ASP A 130 0.51 16.09 -14.23
C ASP A 130 1.49 15.19 -13.48
N ILE A 131 1.05 14.80 -12.27
CA ILE A 131 1.89 14.06 -11.35
C ILE A 131 1.08 12.99 -10.63
N VAL A 132 1.77 11.94 -10.20
CA VAL A 132 1.29 11.08 -9.13
C VAL A 132 1.99 11.54 -7.86
N LEU A 133 1.22 11.96 -6.87
CA LEU A 133 1.72 12.52 -5.63
C LEU A 133 1.62 11.46 -4.55
N THR A 134 2.76 11.07 -3.97
CA THR A 134 2.73 10.02 -2.96
C THR A 134 2.80 10.54 -1.53
N SER A 135 3.48 11.66 -1.27
CA SER A 135 3.49 12.18 0.10
C SER A 135 3.76 13.68 0.09
N VAL A 136 3.17 14.36 1.07
CA VAL A 136 3.46 15.76 1.35
C VAL A 136 3.66 15.89 2.86
N ASP A 137 4.86 16.27 3.27
CA ASP A 137 5.17 16.40 4.68
C ASP A 137 5.67 17.80 4.97
N THR A 138 5.31 18.31 6.15
CA THR A 138 5.74 19.61 6.61
C THR A 138 6.20 19.52 8.04
N LEU A 139 7.22 20.29 8.35
CA LEU A 139 7.76 20.44 9.70
C LEU A 139 8.36 21.85 9.79
N SER B 5 -0.78 29.51 15.60
CA SER B 5 -1.50 28.24 15.49
C SER B 5 -2.00 27.99 14.06
N LEU B 6 -2.59 26.82 13.82
CA LEU B 6 -3.01 26.45 12.49
C LEU B 6 -4.27 27.21 12.05
N PRO B 7 -4.48 27.38 10.75
CA PRO B 7 -5.76 27.94 10.27
C PRO B 7 -6.93 27.12 10.77
N ASN B 8 -8.05 27.81 10.99
CA ASN B 8 -9.25 27.22 11.56
C ASN B 8 -10.44 27.92 10.89
N PRO B 9 -11.19 27.21 10.04
CA PRO B 9 -11.11 25.80 9.62
C PRO B 9 -9.79 25.36 8.97
N TYR B 10 -9.44 24.11 9.18
CA TYR B 10 -8.22 23.49 8.67
C TYR B 10 -8.61 22.45 7.63
N LEU B 11 -7.92 22.45 6.49
CA LEU B 11 -8.17 21.51 5.40
C LEU B 11 -6.91 20.71 5.10
N GLN B 12 -7.10 19.44 4.75
CA GLN B 12 -5.97 18.64 4.28
C GLN B 12 -6.49 17.49 3.40
N SER B 13 -6.00 17.41 2.18
CA SER B 13 -6.27 16.26 1.34
C SER B 13 -5.68 15.01 1.96
N VAL B 14 -6.46 13.93 1.98
CA VAL B 14 -6.03 12.69 2.61
C VAL B 14 -6.42 11.54 1.71
N SER B 15 -5.71 10.43 1.89
CA SER B 15 -6.02 9.15 1.29
C SER B 15 -5.96 8.11 2.41
N LEU B 16 -7.12 7.64 2.86
CA LEU B 16 -7.18 6.72 3.99
C LEU B 16 -6.76 5.31 3.57
N THR B 17 -6.43 4.49 4.57
CA THR B 17 -6.21 3.06 4.39
C THR B 17 -6.90 2.32 5.52
N VAL B 18 -6.74 1.00 5.54
CA VAL B 18 -7.32 0.16 6.59
C VAL B 18 -6.44 0.14 7.83
N CYS B 19 -5.36 0.91 7.83
CA CYS B 19 -4.54 1.10 9.03
C CYS B 19 -3.96 2.51 8.94
N TYR B 20 -4.75 3.47 9.42
CA TYR B 20 -4.46 4.88 9.19
C TYR B 20 -4.85 5.67 10.42
N MET B 21 -4.03 6.67 10.78
CA MET B 21 -4.32 7.47 11.96
C MET B 21 -4.33 8.97 11.65
N VAL B 22 -5.34 9.66 12.20
CA VAL B 22 -5.35 11.11 12.32
C VAL B 22 -5.16 11.46 13.78
N LYS B 23 -4.24 12.38 14.06
CA LYS B 23 -4.04 12.90 15.41
C LYS B 23 -4.17 14.42 15.37
N ILE B 24 -5.15 14.94 16.11
CA ILE B 24 -5.42 16.37 16.21
C ILE B 24 -5.07 16.81 17.63
N LYS B 25 -4.28 17.87 17.75
CA LYS B 25 -3.98 18.49 19.04
C LYS B 25 -4.49 19.92 19.01
N ALA B 26 -5.28 20.28 20.02
CA ALA B 26 -5.87 21.61 20.06
C ALA B 26 -6.17 22.00 21.51
N ASN B 27 -6.35 23.30 21.73
CA ASN B 27 -6.87 23.82 22.97
C ASN B 27 -8.34 24.11 22.80
N LEU B 28 -9.18 23.47 23.61
CA LEU B 28 -10.60 23.80 23.60
C LEU B 28 -10.81 25.15 24.27
N LEU B 29 -11.35 26.10 23.52
CA LEU B 29 -11.62 27.41 24.08
C LEU B 29 -12.75 27.32 25.10
N SER B 30 -12.85 28.35 25.94
CA SER B 30 -13.96 28.49 26.88
C SER B 30 -14.63 29.84 26.60
N PRO B 31 -15.45 29.90 25.57
CA PRO B 31 -16.13 31.17 25.25
C PRO B 31 -17.17 31.52 26.32
N PHE B 32 -17.28 32.80 26.59
CA PHE B 32 -18.33 33.30 27.47
C PHE B 32 -19.64 33.31 26.70
N GLY B 33 -20.68 32.74 27.28
CA GLY B 33 -21.99 32.86 26.71
C GLY B 33 -22.40 31.76 25.76
N LYS B 34 -21.49 30.88 25.34
CA LYS B 34 -21.87 29.72 24.55
C LYS B 34 -20.98 28.54 24.94
N ASN B 35 -21.38 27.38 24.50
CA ASN B 35 -20.57 26.18 24.67
C ASN B 35 -19.71 25.96 23.43
N PRO B 36 -18.41 25.69 23.59
CA PRO B 36 -17.55 25.50 22.42
C PRO B 36 -17.88 24.19 21.71
N GLU B 37 -17.79 24.21 20.39
CA GLU B 37 -18.07 23.02 19.61
C GLU B 37 -16.88 22.68 18.72
N LEU B 38 -16.89 21.43 18.26
CA LEU B 38 -15.77 20.87 17.52
C LEU B 38 -16.34 20.00 16.41
N GLN B 39 -15.80 20.13 15.21
CA GLN B 39 -16.30 19.32 14.11
C GLN B 39 -15.15 18.85 13.24
N VAL B 40 -15.12 17.55 12.98
CA VAL B 40 -14.13 16.94 12.10
C VAL B 40 -14.89 16.20 11.01
N ASP B 41 -14.65 16.57 9.76
CA ASP B 41 -15.26 15.94 8.60
C ASP B 41 -14.23 15.08 7.86
N PHE B 42 -14.58 13.82 7.62
CA PHE B 42 -13.90 12.97 6.64
C PHE B 42 -14.78 12.98 5.40
N GLY B 43 -14.42 13.81 4.41
CA GLY B 43 -15.30 14.12 3.31
C GLY B 43 -14.73 13.69 1.97
N THR B 44 -15.59 13.76 0.95
CA THR B 44 -15.19 13.42 -0.41
C THR B 44 -14.50 14.57 -1.12
N GLY B 45 -14.59 15.79 -0.59
CA GLY B 45 -13.94 16.91 -1.22
C GLY B 45 -14.44 17.17 -2.62
N THR B 46 -15.76 17.13 -2.81
CA THR B 46 -16.36 17.42 -4.10
C THR B 46 -17.24 18.67 -3.97
N GLY B 47 -16.66 19.74 -3.42
CA GLY B 47 -17.38 21.00 -3.24
C GLY B 47 -18.42 20.94 -2.13
N GLN B 48 -19.07 22.08 -1.92
CA GLN B 48 -20.15 22.15 -0.95
C GLN B 48 -21.29 21.22 -1.36
N GLY B 49 -21.86 20.54 -0.37
CA GLY B 49 -22.92 19.58 -0.61
C GLY B 49 -22.46 18.18 -0.93
N GLY B 50 -21.18 17.99 -1.25
CA GLY B 50 -20.68 16.66 -1.56
C GLY B 50 -20.77 15.73 -0.37
N ASP B 51 -20.70 14.43 -0.66
CA ASP B 51 -20.81 13.41 0.36
C ASP B 51 -19.79 13.59 1.47
N ILE B 52 -20.20 13.25 2.68
CA ILE B 52 -19.31 13.19 3.84
C ILE B 52 -19.45 11.79 4.43
N PRO B 53 -18.49 10.90 4.14
CA PRO B 53 -18.53 9.57 4.77
C PRO B 53 -18.63 9.59 6.28
N PHE B 54 -18.02 10.56 6.96
CA PHE B 54 -17.99 10.55 8.43
C PHE B 54 -17.81 11.96 8.95
N ARG B 55 -18.82 12.46 9.65
CA ARG B 55 -18.74 13.71 10.40
C ARG B 55 -18.73 13.41 11.89
N PHE B 56 -17.72 13.92 12.59
CA PHE B 56 -17.63 13.83 14.04
C PHE B 56 -17.88 15.23 14.61
N TRP B 57 -18.91 15.34 15.44
CA TRP B 57 -19.29 16.62 16.01
C TRP B 57 -19.41 16.47 17.51
N TYR B 58 -18.84 17.44 18.22
CA TYR B 58 -18.91 17.45 19.67
C TYR B 58 -19.35 18.82 20.14
N CYS B 59 -20.19 18.84 21.16
CA CYS B 59 -20.45 20.06 21.93
C CYS B 59 -21.23 19.77 23.20
N ASP B 60 -20.78 20.35 24.30
CA ASP B 60 -21.53 20.33 25.57
C ASP B 60 -21.82 18.91 26.04
N GLY B 61 -20.78 18.08 26.08
CA GLY B 61 -20.90 16.72 26.58
C GLY B 61 -21.52 15.71 25.64
N ILE B 62 -21.82 16.09 24.39
CA ILE B 62 -22.52 15.23 23.45
C ILE B 62 -21.70 15.06 22.18
N VAL B 63 -21.50 13.81 21.77
CA VAL B 63 -20.90 13.47 20.48
C VAL B 63 -22.01 13.10 19.51
N VAL B 64 -21.99 13.69 18.32
CA VAL B 64 -22.91 13.31 17.26
C VAL B 64 -22.11 12.93 16.02
N MET B 65 -22.37 11.73 15.49
CA MET B 65 -21.68 11.19 14.33
C MET B 65 -22.70 10.86 13.24
N ASN B 66 -22.37 11.17 11.99
CA ASN B 66 -23.34 10.93 10.93
C ASN B 66 -22.65 10.90 9.57
N THR B 67 -23.42 10.54 8.55
CA THR B 67 -22.97 10.46 7.17
C THR B 67 -23.91 11.27 6.28
N LEU B 68 -23.32 12.05 5.39
CA LEU B 68 -24.05 12.79 4.37
C LEU B 68 -23.87 12.07 3.04
N LYS B 69 -24.96 11.57 2.47
CA LYS B 69 -24.93 10.84 1.20
C LYS B 69 -26.02 11.35 0.28
N ASP B 70 -25.63 11.79 -0.91
CA ASP B 70 -26.57 12.31 -1.92
C ASP B 70 -27.46 13.39 -1.34
N GLY B 71 -26.86 14.30 -0.58
CA GLY B 71 -27.59 15.42 -0.03
C GLY B 71 -28.50 15.10 1.14
N SER B 72 -28.49 13.87 1.63
CA SER B 72 -29.34 13.48 2.74
C SER B 72 -28.48 12.97 3.89
N TRP B 73 -28.70 13.50 5.08
CA TRP B 73 -28.02 13.00 6.27
C TRP B 73 -28.66 11.72 6.76
N GLY B 74 -27.83 10.78 7.19
CA GLY B 74 -28.31 9.52 7.73
C GLY B 74 -28.81 9.65 9.15
N LYS B 75 -28.93 8.51 9.82
CA LYS B 75 -29.40 8.45 11.20
C LYS B 75 -28.21 8.66 12.16
N GLU B 76 -28.22 9.78 12.86
CA GLU B 76 -27.19 10.12 13.82
C GLU B 76 -26.90 8.99 14.79
N GLN B 77 -25.63 8.86 15.15
CA GLN B 77 -25.22 8.11 16.33
C GLN B 77 -24.81 9.13 17.39
N LYS B 78 -25.53 9.15 18.50
CA LYS B 78 -25.32 10.16 19.52
C LYS B 78 -25.01 9.50 20.85
N LEU B 79 -24.13 10.13 21.63
CA LEU B 79 -23.70 9.58 22.91
C LEU B 79 -23.09 10.71 23.72
N HIS B 80 -22.88 10.43 25.01
CA HIS B 80 -22.37 11.43 25.94
C HIS B 80 -20.96 11.08 26.39
N THR B 81 -20.13 12.11 26.53
CA THR B 81 -18.78 11.92 27.02
C THR B 81 -18.37 13.14 27.82
N GLU B 82 -17.50 12.92 28.81
CA GLU B 82 -16.89 13.99 29.58
C GLU B 82 -15.42 14.20 29.22
N ALA B 83 -14.99 13.73 28.03
CA ALA B 83 -13.58 13.74 27.67
C ALA B 83 -13.05 15.15 27.40
N PHE B 84 -13.88 16.04 26.88
CA PHE B 84 -13.46 17.38 26.51
C PHE B 84 -13.73 18.36 27.65
N VAL B 85 -12.68 18.98 28.17
CA VAL B 85 -12.78 19.98 29.22
C VAL B 85 -12.50 21.34 28.59
N PRO B 86 -13.44 22.29 28.63
CA PRO B 86 -13.19 23.59 28.00
C PRO B 86 -12.09 24.34 28.76
N GLY B 87 -11.27 25.07 28.02
CA GLY B 87 -10.09 25.65 28.62
C GLY B 87 -8.90 24.73 28.74
N GLN B 88 -9.02 23.45 28.36
CA GLN B 88 -7.95 22.46 28.45
C GLN B 88 -7.47 22.03 27.07
N PRO B 89 -6.18 21.74 26.93
CA PRO B 89 -5.71 21.09 25.70
C PRO B 89 -6.29 19.70 25.58
N PHE B 90 -6.41 19.22 24.34
CA PHE B 90 -6.80 17.84 24.13
C PHE B 90 -6.08 17.30 22.92
N GLU B 91 -6.05 15.98 22.86
CA GLU B 91 -5.53 15.25 21.72
C GLU B 91 -6.62 14.33 21.25
N LEU B 92 -7.08 14.51 20.02
CA LEU B 92 -8.17 13.75 19.44
C LEU B 92 -7.61 12.87 18.32
N GLN B 93 -7.85 11.57 18.40
CA GLN B 93 -7.31 10.62 17.44
C GLN B 93 -8.45 9.91 16.72
N PHE B 94 -8.32 9.82 15.41
CA PHE B 94 -9.18 8.95 14.61
C PHE B 94 -8.33 7.81 14.07
N LEU B 95 -8.70 6.59 14.42
CA LEU B 95 -8.08 5.39 13.91
C LEU B 95 -8.99 4.82 12.83
N VAL B 96 -8.48 4.74 11.61
CA VAL B 96 -9.25 4.21 10.48
C VAL B 96 -8.83 2.76 10.27
N LEU B 97 -9.80 1.85 10.40
CA LEU B 97 -9.61 0.41 10.19
C LEU B 97 -10.52 -0.04 9.05
N GLU B 98 -10.39 -1.32 8.70
CA GLU B 98 -11.20 -1.88 7.63
C GLU B 98 -12.70 -1.70 7.90
N ASN B 99 -13.13 -1.95 9.13
CA ASN B 99 -14.55 -2.00 9.44
C ASN B 99 -15.12 -0.71 10.03
N GLU B 100 -14.28 0.16 10.58
CA GLU B 100 -14.83 1.25 11.38
C GLU B 100 -13.77 2.34 11.57
N TYR B 101 -14.25 3.49 12.03
CA TYR B 101 -13.43 4.50 12.69
C TYR B 101 -13.47 4.22 14.19
N GLN B 102 -12.34 4.43 14.85
CA GLN B 102 -12.24 4.38 16.31
C GLN B 102 -11.80 5.75 16.79
N VAL B 103 -12.45 6.27 17.83
CA VAL B 103 -12.22 7.62 18.32
C VAL B 103 -11.61 7.55 19.71
N PHE B 104 -10.50 8.25 19.90
CA PHE B 104 -9.81 8.34 21.18
C PHE B 104 -9.62 9.81 21.52
N VAL B 105 -9.74 10.13 22.81
CA VAL B 105 -9.46 11.46 23.31
C VAL B 105 -8.53 11.32 24.51
N ASN B 106 -7.40 12.00 24.47
CA ASN B 106 -6.44 11.96 25.57
C ASN B 106 -6.09 10.52 25.93
N ASN B 107 -5.79 9.72 24.90
CA ASN B 107 -5.37 8.32 25.03
C ASN B 107 -6.46 7.42 25.61
N LYS B 108 -7.72 7.85 25.57
CA LYS B 108 -8.77 6.99 26.08
C LYS B 108 -9.79 6.69 25.00
N PRO B 109 -10.25 5.44 24.88
CA PRO B 109 -11.24 5.12 23.85
C PRO B 109 -12.59 5.74 24.17
N ILE B 110 -13.19 6.40 23.17
CA ILE B 110 -14.49 7.02 23.34
C ILE B 110 -15.60 6.22 22.65
N CYS B 111 -15.48 6.03 21.34
CA CYS B 111 -16.56 5.42 20.58
C CYS B 111 -16.02 5.02 19.21
N GLN B 112 -16.87 4.34 18.44
CA GLN B 112 -16.51 3.91 17.11
C GLN B 112 -17.65 4.24 16.15
N PHE B 113 -17.34 4.16 14.85
CA PHE B 113 -18.29 4.49 13.79
C PHE B 113 -18.05 3.53 12.63
N ALA B 114 -18.98 2.62 12.39
CA ALA B 114 -18.82 1.69 11.28
C ALA B 114 -18.95 2.43 9.96
N HIS B 115 -18.10 2.08 9.00
CA HIS B 115 -18.14 2.76 7.70
C HIS B 115 -19.52 2.60 7.07
N ARG B 116 -20.06 3.71 6.59
CA ARG B 116 -21.29 3.74 5.81
C ARG B 116 -21.02 3.95 4.34
N LEU B 117 -20.06 4.79 4.01
CA LEU B 117 -19.46 4.98 2.72
C LEU B 117 -18.01 4.49 2.75
N PRO B 118 -17.48 4.01 1.62
CA PRO B 118 -16.14 3.42 1.61
C PRO B 118 -15.08 4.40 2.08
N LEU B 119 -14.16 3.91 2.91
CA LEU B 119 -13.08 4.77 3.41
C LEU B 119 -12.22 5.25 2.26
N GLN B 120 -12.15 4.47 1.19
CA GLN B 120 -11.38 4.81 -0.01
C GLN B 120 -11.94 6.03 -0.72
N SER B 121 -13.15 6.46 -0.39
CA SER B 121 -13.73 7.62 -1.06
C SER B 121 -13.52 8.92 -0.32
N VAL B 122 -12.92 8.89 0.88
CA VAL B 122 -12.56 10.12 1.58
C VAL B 122 -11.38 10.77 0.88
N LYS B 123 -11.50 12.05 0.58
CA LYS B 123 -10.43 12.81 -0.03
C LYS B 123 -9.96 13.98 0.80
N MET B 124 -10.70 14.38 1.83
CA MET B 124 -10.52 15.70 2.41
C MET B 124 -10.84 15.63 3.89
N LEU B 125 -9.89 16.03 4.73
CA LEU B 125 -10.10 16.17 6.16
C LEU B 125 -10.37 17.64 6.45
N ASP B 126 -11.38 17.90 7.26
CA ASP B 126 -11.75 19.26 7.64
C ASP B 126 -11.86 19.30 9.17
N VAL B 127 -11.13 20.21 9.79
CA VAL B 127 -11.14 20.37 11.25
C VAL B 127 -11.50 21.81 11.57
N ARG B 128 -12.46 22.00 12.48
CA ARG B 128 -12.90 23.35 12.81
C ARG B 128 -13.61 23.33 14.15
N GLY B 129 -13.72 24.51 14.75
CA GLY B 129 -14.50 24.67 15.96
C GLY B 129 -13.95 25.79 16.82
N ASP B 130 -14.46 25.86 18.05
CA ASP B 130 -13.98 26.82 19.04
C ASP B 130 -12.75 26.24 19.73
N ILE B 131 -11.65 26.26 18.99
CA ILE B 131 -10.39 25.64 19.39
C ILE B 131 -9.26 26.50 18.88
N VAL B 132 -8.12 26.40 19.56
CA VAL B 132 -6.84 26.83 18.99
C VAL B 132 -6.18 25.57 18.46
N LEU B 133 -6.13 25.42 17.16
CA LEU B 133 -5.62 24.19 16.57
C LEU B 133 -4.10 24.28 16.49
N THR B 134 -3.40 23.40 17.18
CA THR B 134 -1.95 23.50 17.22
C THR B 134 -1.26 22.48 16.30
N SER B 135 -1.79 21.27 16.15
CA SER B 135 -1.20 20.38 15.14
C SER B 135 -2.24 19.41 14.61
N VAL B 136 -2.05 18.99 13.36
CA VAL B 136 -2.80 17.88 12.76
C VAL B 136 -1.81 16.97 12.06
N ASP B 137 -1.86 15.68 12.38
CA ASP B 137 -0.89 14.74 11.84
C ASP B 137 -1.60 13.48 11.38
N THR B 138 -1.06 12.88 10.31
CA THR B 138 -1.57 11.62 9.76
C THR B 138 -0.41 10.67 9.54
N LEU B 139 -0.66 9.38 9.73
CA LEU B 139 0.32 8.36 9.38
C LEU B 139 -0.36 7.15 8.74
N ASP C 4 -34.41 -12.83 47.98
CA ASP C 4 -35.72 -12.54 47.41
C ASP C 4 -35.62 -11.47 46.31
N SER C 5 -35.34 -11.90 45.08
CA SER C 5 -35.19 -10.99 43.94
C SER C 5 -35.79 -11.64 42.70
N LEU C 6 -35.78 -10.89 41.57
CA LEU C 6 -36.49 -11.35 40.38
C LEU C 6 -35.72 -12.47 39.67
N PRO C 7 -36.44 -13.35 38.97
CA PRO C 7 -35.77 -14.38 38.15
C PRO C 7 -34.81 -13.75 37.15
N ASN C 8 -33.72 -14.47 36.89
CA ASN C 8 -32.64 -14.01 36.03
C ASN C 8 -32.14 -15.18 35.20
N PRO C 9 -32.47 -15.21 33.90
CA PRO C 9 -33.10 -14.20 33.05
C PRO C 9 -34.54 -13.84 33.41
N TYR C 10 -34.89 -12.58 33.16
CA TYR C 10 -36.23 -12.04 33.36
C TYR C 10 -36.88 -11.83 31.99
N LEU C 11 -38.14 -12.24 31.86
CA LEU C 11 -38.91 -12.04 30.64
C LEU C 11 -40.17 -11.25 30.93
N GLN C 12 -40.65 -10.52 29.93
CA GLN C 12 -41.94 -9.85 30.02
C GLN C 12 -42.45 -9.55 28.62
N SER C 13 -43.64 -10.02 28.28
CA SER C 13 -44.25 -9.61 27.02
C SER C 13 -44.54 -8.12 27.08
N VAL C 14 -44.21 -7.42 25.99
CA VAL C 14 -44.36 -5.97 25.92
C VAL C 14 -45.00 -5.59 24.60
N SER C 15 -45.56 -4.38 24.59
CA SER C 15 -46.06 -3.74 23.38
C SER C 15 -45.60 -2.29 23.42
N LEU C 16 -44.60 -1.94 22.60
CA LEU C 16 -43.97 -0.64 22.67
C LEU C 16 -44.82 0.42 21.98
N THR C 17 -44.53 1.69 22.26
CA THR C 17 -45.14 2.82 21.58
C THR C 17 -44.07 3.87 21.34
N VAL C 18 -44.48 5.03 20.81
CA VAL C 18 -43.54 6.12 20.53
C VAL C 18 -43.25 6.96 21.76
N CYS C 19 -43.84 6.61 22.90
CA CYS C 19 -43.53 7.24 24.17
C CYS C 19 -43.70 6.14 25.22
N TYR C 20 -42.60 5.42 25.48
CA TYR C 20 -42.65 4.20 26.26
C TYR C 20 -41.35 4.11 27.05
N MET C 21 -41.46 3.70 28.31
CA MET C 21 -40.27 3.63 29.14
C MET C 21 -40.13 2.26 29.80
N VAL C 22 -38.90 1.80 29.90
CA VAL C 22 -38.48 0.63 30.67
C VAL C 22 -37.49 1.10 31.71
N LYS C 23 -37.74 0.75 32.98
CA LYS C 23 -36.82 1.10 34.05
C LYS C 23 -36.41 -0.16 34.77
N ILE C 24 -35.11 -0.39 34.85
CA ILE C 24 -34.52 -1.59 35.46
C ILE C 24 -33.70 -1.15 36.65
N LYS C 25 -33.92 -1.80 37.80
CA LYS C 25 -33.10 -1.60 39.00
C LYS C 25 -32.39 -2.91 39.32
N ALA C 26 -31.07 -2.86 39.42
CA ALA C 26 -30.31 -4.07 39.66
C ALA C 26 -28.98 -3.73 40.32
N ASN C 27 -28.38 -4.74 40.95
CA ASN C 27 -27.03 -4.64 41.52
C ASN C 27 -26.08 -5.42 40.61
N LEU C 28 -25.03 -4.74 40.17
CA LEU C 28 -24.02 -5.41 39.36
C LEU C 28 -23.10 -6.22 40.27
N LEU C 29 -22.95 -7.51 39.96
CA LEU C 29 -22.18 -8.40 40.81
C LEU C 29 -20.68 -8.20 40.59
N SER C 30 -19.89 -8.87 41.42
CA SER C 30 -18.43 -8.86 41.32
C SER C 30 -17.93 -10.29 41.25
N PRO C 31 -18.23 -11.02 40.16
CA PRO C 31 -18.00 -12.46 40.14
C PRO C 31 -16.53 -12.81 40.27
N PHE C 32 -16.28 -14.05 40.64
CA PHE C 32 -14.93 -14.56 40.83
C PHE C 32 -14.18 -14.54 39.51
N GLY C 33 -13.22 -13.61 39.40
CA GLY C 33 -12.35 -13.50 38.25
C GLY C 33 -12.88 -12.72 37.06
N LYS C 34 -14.16 -12.86 36.74
CA LYS C 34 -14.66 -12.33 35.49
C LYS C 34 -15.42 -11.02 35.71
N ASN C 35 -15.45 -10.19 34.66
CA ASN C 35 -16.22 -8.97 34.74
C ASN C 35 -17.71 -9.28 34.56
N PRO C 36 -18.57 -8.67 35.38
CA PRO C 36 -20.01 -8.89 35.22
C PRO C 36 -20.51 -8.35 33.89
N GLU C 37 -21.42 -9.09 33.27
CA GLU C 37 -22.09 -8.68 32.05
C GLU C 37 -23.55 -8.33 32.34
N LEU C 38 -24.12 -7.53 31.45
CA LEU C 38 -25.51 -7.12 31.51
C LEU C 38 -26.05 -7.11 30.10
N GLN C 39 -27.23 -7.67 29.90
CA GLN C 39 -27.77 -7.74 28.55
C GLN C 39 -29.27 -7.53 28.58
N VAL C 40 -29.76 -6.62 27.75
CA VAL C 40 -31.18 -6.34 27.66
C VAL C 40 -31.59 -6.45 26.20
N ASP C 41 -32.51 -7.36 25.91
CA ASP C 41 -33.03 -7.59 24.57
C ASP C 41 -34.43 -7.02 24.44
N PHE C 42 -34.64 -6.21 23.41
CA PHE C 42 -35.98 -5.89 22.92
C PHE C 42 -36.20 -6.81 21.72
N GLY C 43 -36.81 -7.97 21.97
CA GLY C 43 -36.90 -9.03 20.99
C GLY C 43 -38.30 -9.23 20.43
N THR C 44 -38.36 -10.00 19.34
CA THR C 44 -39.65 -10.32 18.76
C THR C 44 -40.34 -11.48 19.45
N GLY C 45 -39.65 -12.18 20.37
CA GLY C 45 -40.25 -13.29 21.08
C GLY C 45 -40.79 -14.38 20.19
N THR C 46 -40.26 -14.51 18.98
CA THR C 46 -40.65 -15.55 18.02
C THR C 46 -39.77 -16.78 18.12
N GLY C 47 -39.26 -17.10 19.33
CA GLY C 47 -38.48 -18.30 19.54
C GLY C 47 -36.98 -18.07 19.41
N GLN C 48 -36.23 -19.13 19.66
CA GLN C 48 -34.77 -19.07 19.54
C GLN C 48 -34.37 -18.68 18.12
N GLY C 49 -33.36 -17.81 18.02
CA GLY C 49 -32.92 -17.30 16.74
C GLY C 49 -33.77 -16.20 16.15
N GLY C 50 -34.88 -15.84 16.80
CA GLY C 50 -35.74 -14.80 16.26
C GLY C 50 -35.08 -13.44 16.23
N ASP C 51 -35.66 -12.55 15.43
CA ASP C 51 -35.14 -11.19 15.31
C ASP C 51 -35.11 -10.48 16.65
N ILE C 52 -34.02 -9.74 16.89
CA ILE C 52 -33.91 -8.84 18.02
C ILE C 52 -33.73 -7.43 17.50
N PRO C 53 -34.78 -6.61 17.50
CA PRO C 53 -34.64 -5.23 17.02
C PRO C 53 -33.61 -4.39 17.78
N PHE C 54 -33.31 -4.71 19.04
CA PHE C 54 -32.37 -3.91 19.83
C PHE C 54 -31.82 -4.77 20.96
N ARG C 55 -30.54 -5.10 20.89
CA ARG C 55 -29.83 -5.69 22.01
C ARG C 55 -28.90 -4.62 22.60
N PHE C 56 -29.04 -4.40 23.90
CA PHE C 56 -28.13 -3.56 24.68
C PHE C 56 -27.27 -4.47 25.54
N TRP C 57 -25.96 -4.41 25.34
CA TRP C 57 -25.03 -5.27 26.04
C TRP C 57 -23.98 -4.39 26.69
N TYR C 58 -23.57 -4.75 27.90
CA TYR C 58 -22.58 -3.97 28.62
C TYR C 58 -21.65 -4.90 29.38
N CYS C 59 -20.37 -4.56 29.38
CA CYS C 59 -19.39 -5.25 30.21
C CYS C 59 -18.14 -4.39 30.31
N ASP C 60 -17.61 -4.27 31.53
CA ASP C 60 -16.25 -3.76 31.76
C ASP C 60 -16.01 -2.44 31.01
N GLY C 61 -16.92 -1.49 31.24
CA GLY C 61 -16.79 -0.14 30.71
C GLY C 61 -17.17 0.04 29.25
N ILE C 62 -17.75 -0.97 28.60
CA ILE C 62 -18.07 -0.90 27.17
C ILE C 62 -19.53 -1.24 26.94
N VAL C 63 -20.21 -0.41 26.15
CA VAL C 63 -21.57 -0.67 25.67
C VAL C 63 -21.49 -1.11 24.21
N VAL C 64 -22.17 -2.20 23.89
CA VAL C 64 -22.29 -2.69 22.53
C VAL C 64 -23.78 -2.85 22.23
N MET C 65 -24.25 -2.20 21.18
CA MET C 65 -25.64 -2.25 20.77
C MET C 65 -25.74 -2.77 19.34
N ASN C 66 -26.76 -3.59 19.08
CA ASN C 66 -26.86 -4.20 17.76
C ASN C 66 -28.28 -4.68 17.53
N THR C 67 -28.53 -5.12 16.29
CA THR C 67 -29.78 -5.67 15.83
C THR C 67 -29.54 -7.05 15.21
N LEU C 68 -30.43 -8.00 15.50
CA LEU C 68 -30.42 -9.31 14.86
C LEU C 68 -31.62 -9.39 13.91
N LYS C 69 -31.33 -9.52 12.63
CA LYS C 69 -32.35 -9.56 11.58
C LYS C 69 -32.09 -10.76 10.69
N ASP C 70 -33.11 -11.61 10.53
CA ASP C 70 -33.07 -12.78 9.64
C ASP C 70 -31.79 -13.58 9.81
N GLY C 71 -31.39 -13.77 11.05
CA GLY C 71 -30.28 -14.64 11.37
C GLY C 71 -28.92 -13.99 11.37
N SER C 72 -28.80 -12.72 10.98
CA SER C 72 -27.50 -12.07 10.95
C SER C 72 -27.52 -10.80 11.77
N TRP C 73 -26.50 -10.64 12.61
CA TRP C 73 -26.28 -9.41 13.37
C TRP C 73 -25.75 -8.30 12.47
N GLY C 74 -26.17 -7.06 12.76
CA GLY C 74 -25.74 -5.90 11.99
C GLY C 74 -24.39 -5.36 12.42
N LYS C 75 -24.12 -4.12 12.02
CA LYS C 75 -22.91 -3.41 12.46
C LYS C 75 -23.14 -2.88 13.86
N GLU C 76 -22.44 -3.44 14.84
CA GLU C 76 -22.63 -3.03 16.22
C GLU C 76 -22.24 -1.56 16.39
N GLN C 77 -22.82 -0.95 17.42
CA GLN C 77 -22.43 0.38 17.85
C GLN C 77 -21.79 0.22 19.21
N LYS C 78 -20.55 0.68 19.33
CA LYS C 78 -19.74 0.39 20.49
C LYS C 78 -19.25 1.72 21.04
N LEU C 79 -19.28 1.86 22.37
CA LEU C 79 -18.85 3.08 23.03
C LEU C 79 -18.48 2.75 24.47
N HIS C 80 -17.73 3.66 25.07
CA HIS C 80 -17.22 3.48 26.42
C HIS C 80 -18.01 4.32 27.41
N THR C 81 -18.30 3.74 28.58
CA THR C 81 -18.96 4.51 29.62
C THR C 81 -18.49 4.06 31.00
N GLU C 82 -18.56 4.97 31.96
CA GLU C 82 -18.22 4.68 33.34
C GLU C 82 -19.44 4.65 34.26
N ALA C 83 -20.64 4.53 33.70
CA ALA C 83 -21.85 4.69 34.51
C ALA C 83 -22.10 3.50 35.45
N PHE C 84 -21.62 2.31 35.09
CA PHE C 84 -21.87 1.10 35.89
C PHE C 84 -20.66 0.83 36.78
N VAL C 85 -20.74 1.26 38.04
CA VAL C 85 -19.73 0.86 39.04
C VAL C 85 -20.07 -0.52 39.58
N PRO C 86 -19.18 -1.51 39.46
CA PRO C 86 -19.53 -2.86 39.93
C PRO C 86 -19.71 -2.89 41.44
N GLY C 87 -20.62 -3.78 41.87
CA GLY C 87 -20.99 -3.86 43.27
C GLY C 87 -21.94 -2.77 43.73
N GLN C 88 -22.33 -1.86 42.86
CA GLN C 88 -23.25 -0.79 43.19
C GLN C 88 -24.59 -1.02 42.53
N PRO C 89 -25.68 -0.72 43.21
CA PRO C 89 -26.97 -0.71 42.54
C PRO C 89 -26.98 0.38 41.49
N PHE C 90 -27.65 0.09 40.38
CA PHE C 90 -27.81 1.08 39.33
C PHE C 90 -29.27 1.09 38.93
N GLU C 91 -29.66 2.18 38.28
CA GLU C 91 -30.95 2.28 37.62
C GLU C 91 -30.73 2.49 36.13
N LEU C 92 -31.27 1.60 35.33
CA LEU C 92 -31.10 1.62 33.88
C LEU C 92 -32.45 1.91 33.23
N GLN C 93 -32.52 2.96 32.42
CA GLN C 93 -33.74 3.34 31.74
C GLN C 93 -33.57 3.26 30.22
N PHE C 94 -34.56 2.66 29.57
CA PHE C 94 -34.75 2.72 28.13
C PHE C 94 -35.99 3.53 27.85
N LEU C 95 -35.82 4.59 27.08
CA LEU C 95 -36.90 5.44 26.61
C LEU C 95 -37.09 5.18 25.12
N VAL C 96 -38.26 4.65 24.76
CA VAL C 96 -38.59 4.37 23.36
C VAL C 96 -39.33 5.56 22.80
N LEU C 97 -38.76 6.19 21.78
CA LEU C 97 -39.38 7.26 21.01
C LEU C 97 -39.56 6.81 19.57
N GLU C 98 -40.14 7.67 18.75
CA GLU C 98 -40.48 7.24 17.40
C GLU C 98 -39.22 6.95 16.57
N ASN C 99 -38.13 7.70 16.79
CA ASN C 99 -36.93 7.56 15.97
C ASN C 99 -35.84 6.73 16.61
N GLU C 100 -35.89 6.46 17.92
CA GLU C 100 -34.72 5.92 18.60
C GLU C 100 -35.10 5.42 19.98
N TYR C 101 -34.22 4.58 20.52
CA TYR C 101 -34.15 4.32 21.94
C TYR C 101 -33.14 5.29 22.55
N GLN C 102 -33.47 5.83 23.73
CA GLN C 102 -32.51 6.57 24.54
C GLN C 102 -32.20 5.76 25.80
N VAL C 103 -30.92 5.73 26.19
CA VAL C 103 -30.46 4.97 27.35
C VAL C 103 -30.03 5.95 28.44
N PHE C 104 -30.49 5.71 29.65
CA PHE C 104 -30.09 6.48 30.82
C PHE C 104 -29.66 5.54 31.93
N VAL C 105 -28.62 5.92 32.66
CA VAL C 105 -28.15 5.19 33.83
C VAL C 105 -28.05 6.18 34.98
N ASN C 106 -28.72 5.87 36.09
CA ASN C 106 -28.71 6.74 37.27
C ASN C 106 -29.05 8.18 36.89
N ASN C 107 -30.12 8.34 36.11
CA ASN C 107 -30.65 9.62 35.65
C ASN C 107 -29.66 10.42 34.78
N LYS C 108 -28.64 9.78 34.23
CA LYS C 108 -27.77 10.50 33.32
C LYS C 108 -27.83 9.89 31.93
N PRO C 109 -27.89 10.69 30.87
CA PRO C 109 -28.00 10.11 29.52
C PRO C 109 -26.68 9.49 29.09
N ILE C 110 -26.76 8.31 28.49
CA ILE C 110 -25.57 7.59 28.04
C ILE C 110 -25.44 7.66 26.53
N CYS C 111 -26.46 7.19 25.81
CA CYS C 111 -26.39 7.00 24.37
C CYS C 111 -27.79 6.74 23.84
N GLN C 112 -27.89 6.62 22.51
CA GLN C 112 -29.14 6.33 21.83
C GLN C 112 -28.91 5.29 20.73
N PHE C 113 -30.01 4.73 20.24
CA PHE C 113 -29.96 3.68 19.22
C PHE C 113 -31.13 3.91 18.25
N ALA C 114 -30.82 4.39 17.04
CA ALA C 114 -31.85 4.58 16.04
C ALA C 114 -32.50 3.25 15.69
N HIS C 115 -33.83 3.26 15.59
CA HIS C 115 -34.54 2.03 15.26
C HIS C 115 -34.04 1.46 13.93
N ARG C 116 -33.76 0.15 13.92
CA ARG C 116 -33.42 -0.55 12.70
C ARG C 116 -34.53 -1.47 12.22
N LEU C 117 -35.24 -2.10 13.13
CA LEU C 117 -36.51 -2.76 12.88
C LEU C 117 -37.60 -1.99 13.58
N PRO C 118 -38.85 -2.09 13.12
CA PRO C 118 -39.92 -1.26 13.70
C PRO C 118 -40.09 -1.56 15.18
N LEU C 119 -40.27 -0.50 15.96
CA LEU C 119 -40.52 -0.68 17.40
C LEU C 119 -41.78 -1.49 17.64
N GLN C 120 -42.74 -1.44 16.70
CA GLN C 120 -43.97 -2.22 16.82
C GLN C 120 -43.71 -3.72 16.78
N SER C 121 -42.58 -4.16 16.22
CA SER C 121 -42.33 -5.59 16.12
C SER C 121 -41.75 -6.17 17.40
N VAL C 122 -41.43 -5.35 18.40
CA VAL C 122 -40.93 -5.85 19.67
C VAL C 122 -42.08 -6.43 20.48
N LYS C 123 -41.93 -7.68 20.92
CA LYS C 123 -42.96 -8.34 21.70
C LYS C 123 -42.46 -8.86 23.04
N MET C 124 -41.16 -8.86 23.28
CA MET C 124 -40.62 -9.57 24.43
C MET C 124 -39.40 -8.84 24.96
N LEU C 125 -39.48 -8.43 26.23
CA LEU C 125 -38.35 -7.88 26.96
C LEU C 125 -37.60 -9.00 27.69
N ASP C 126 -36.29 -9.03 27.54
CA ASP C 126 -35.44 -10.01 28.19
C ASP C 126 -34.32 -9.26 28.91
N VAL C 127 -34.15 -9.51 30.20
CA VAL C 127 -33.10 -8.90 31.01
C VAL C 127 -32.33 -10.02 31.70
N ARG C 128 -31.00 -9.95 31.64
CA ARG C 128 -30.15 -11.00 32.21
C ARG C 128 -28.73 -10.47 32.37
N GLY C 129 -27.91 -11.25 33.04
CA GLY C 129 -26.51 -10.93 33.20
C GLY C 129 -26.05 -11.29 34.60
N ASP C 130 -24.86 -10.79 34.95
CA ASP C 130 -24.28 -11.03 36.26
C ASP C 130 -24.79 -9.97 37.23
N ILE C 131 -26.08 -10.07 37.52
CA ILE C 131 -26.78 -9.04 38.29
C ILE C 131 -27.74 -9.72 39.27
N VAL C 132 -28.04 -9.02 40.36
CA VAL C 132 -29.21 -9.27 41.17
C VAL C 132 -30.28 -8.29 40.70
N LEU C 133 -31.33 -8.81 40.09
CA LEU C 133 -32.37 -7.99 39.50
C LEU C 133 -33.46 -7.74 40.53
N THR C 134 -33.69 -6.47 40.86
CA THR C 134 -34.64 -6.17 41.92
C THR C 134 -35.97 -5.65 41.41
N SER C 135 -36.01 -4.95 40.27
CA SER C 135 -37.30 -4.55 39.71
C SER C 135 -37.17 -4.22 38.23
N VAL C 136 -38.24 -4.48 37.49
CA VAL C 136 -38.42 -4.04 36.12
C VAL C 136 -39.80 -3.41 36.03
N ASP C 137 -39.87 -2.20 35.49
CA ASP C 137 -41.12 -1.50 35.34
C ASP C 137 -41.24 -0.90 33.95
N THR C 138 -42.47 -0.84 33.44
CA THR C 138 -42.72 -0.29 32.12
C THR C 138 -43.93 0.61 32.19
N LEU C 139 -43.89 1.65 31.36
CA LEU C 139 -44.99 2.58 31.24
C LEU C 139 -44.90 3.21 29.85
N SER D 5 20.25 5.92 2.91
CA SER D 5 19.32 5.17 3.75
C SER D 5 19.67 5.28 5.24
N LEU D 6 18.75 4.81 6.09
CA LEU D 6 18.88 4.95 7.53
C LEU D 6 19.88 3.92 8.09
N PRO D 7 20.50 4.24 9.23
CA PRO D 7 21.33 3.24 9.91
C PRO D 7 20.57 1.94 10.15
N ASN D 8 21.31 0.83 10.14
CA ASN D 8 20.76 -0.50 10.28
C ASN D 8 21.79 -1.37 11.02
N PRO D 9 21.48 -1.74 12.27
CA PRO D 9 20.22 -1.50 12.96
C PRO D 9 19.87 -0.03 13.28
N TYR D 10 18.57 0.18 13.42
CA TYR D 10 17.96 1.48 13.69
C TYR D 10 17.37 1.47 15.09
N LEU D 11 17.66 2.52 15.87
CA LEU D 11 17.13 2.66 17.22
C LEU D 11 16.29 3.92 17.32
N GLN D 12 15.22 3.83 18.12
CA GLN D 12 14.44 5.02 18.45
C GLN D 12 13.80 4.82 19.81
N SER D 13 14.09 5.72 20.74
CA SER D 13 13.36 5.78 21.99
C SER D 13 11.90 6.06 21.68
N VAL D 14 11.00 5.34 22.35
CA VAL D 14 9.56 5.48 22.10
C VAL D 14 8.79 5.42 23.40
N SER D 15 7.56 5.89 23.33
CA SER D 15 6.57 5.73 24.40
C SER D 15 5.24 5.37 23.75
N LEU D 16 4.82 4.12 23.90
CA LEU D 16 3.61 3.63 23.25
C LEU D 16 2.37 4.06 24.01
N THR D 17 1.22 3.94 23.32
CA THR D 17 -0.11 4.18 23.90
C THR D 17 -1.07 3.15 23.32
N VAL D 18 -2.34 3.25 23.73
CA VAL D 18 -3.39 2.35 23.26
C VAL D 18 -3.86 2.72 21.86
N CYS D 19 -3.27 3.74 21.25
CA CYS D 19 -3.57 4.13 19.86
C CYS D 19 -2.28 4.74 19.30
N TYR D 20 -1.39 3.86 18.83
CA TYR D 20 -0.03 4.22 18.46
C TYR D 20 0.38 3.39 17.25
N MET D 21 0.99 4.02 16.27
CA MET D 21 1.34 3.36 15.03
C MET D 21 2.83 3.53 14.73
N VAL D 22 3.45 2.44 14.27
CA VAL D 22 4.80 2.44 13.73
C VAL D 22 4.70 2.05 12.26
N LYS D 23 5.37 2.81 11.39
CA LYS D 23 5.36 2.53 9.96
C LYS D 23 6.81 2.48 9.46
N ILE D 24 7.19 1.33 8.93
CA ILE D 24 8.54 1.08 8.45
C ILE D 24 8.48 0.89 6.94
N LYS D 25 9.36 1.58 6.22
CA LYS D 25 9.52 1.39 4.78
C LYS D 25 10.96 0.97 4.50
N ALA D 26 11.10 -0.20 3.85
CA ALA D 26 12.41 -0.77 3.60
C ALA D 26 12.36 -1.59 2.31
N ASN D 27 13.54 -1.87 1.77
CA ASN D 27 13.68 -2.74 0.62
C ASN D 27 14.31 -4.06 1.06
N LEU D 28 13.63 -5.16 0.80
CA LEU D 28 14.16 -6.47 1.16
C LEU D 28 15.29 -6.85 0.21
N LEU D 29 16.43 -7.23 0.76
CA LEU D 29 17.57 -7.61 -0.04
C LEU D 29 17.40 -9.04 -0.58
N SER D 30 18.28 -9.38 -1.52
CA SER D 30 18.25 -10.68 -2.21
C SER D 30 19.61 -11.35 -2.07
N PRO D 31 20.01 -11.70 -0.85
CA PRO D 31 21.31 -12.34 -0.67
C PRO D 31 21.33 -13.71 -1.33
N PHE D 32 22.52 -14.09 -1.79
CA PHE D 32 22.67 -15.32 -2.55
C PHE D 32 22.79 -16.55 -1.65
N GLY D 33 23.50 -16.44 -0.54
CA GLY D 33 23.74 -17.60 0.30
C GLY D 33 22.79 -17.85 1.45
N LYS D 34 21.74 -17.06 1.60
CA LYS D 34 20.83 -17.20 2.73
C LYS D 34 19.51 -16.52 2.37
N ASN D 35 18.48 -16.79 3.20
CA ASN D 35 17.24 -16.02 3.07
C ASN D 35 17.32 -14.75 3.91
N PRO D 36 16.91 -13.61 3.38
CA PRO D 36 17.02 -12.36 4.14
C PRO D 36 16.15 -12.40 5.40
N GLU D 37 16.69 -11.86 6.49
CA GLU D 37 15.98 -11.80 7.76
C GLU D 37 15.50 -10.37 8.03
N LEU D 38 14.39 -10.28 8.77
CA LEU D 38 13.84 -9.02 9.24
C LEU D 38 13.43 -9.17 10.70
N GLN D 39 13.88 -8.26 11.56
CA GLN D 39 13.56 -8.32 12.98
C GLN D 39 13.24 -6.93 13.53
N VAL D 40 12.11 -6.82 14.24
CA VAL D 40 11.70 -5.57 14.89
C VAL D 40 11.45 -5.85 16.37
N ASP D 41 12.18 -5.15 17.24
CA ASP D 41 12.05 -5.28 18.68
C ASP D 41 11.31 -4.08 19.28
N PHE D 42 10.25 -4.36 20.02
CA PHE D 42 9.66 -3.40 20.94
C PHE D 42 10.23 -3.75 22.31
N GLY D 43 11.30 -3.06 22.73
CA GLY D 43 12.06 -3.40 23.91
C GLY D 43 11.91 -2.43 25.07
N THR D 44 12.34 -2.90 26.24
CA THR D 44 12.35 -2.10 27.46
C THR D 44 13.54 -1.15 27.52
N GLY D 45 14.57 -1.38 26.71
CA GLY D 45 15.74 -0.53 26.73
C GLY D 45 16.40 -0.53 28.09
N THR D 46 16.61 -1.73 28.64
CA THR D 46 17.21 -1.93 29.96
C THR D 46 18.51 -2.71 29.87
N GLY D 47 19.25 -2.55 28.78
CA GLY D 47 20.56 -3.14 28.65
C GLY D 47 20.59 -4.39 27.79
N GLN D 48 21.70 -5.12 27.91
CA GLN D 48 22.06 -6.15 26.94
C GLN D 48 21.04 -7.28 26.92
N GLY D 49 20.52 -7.69 28.06
CA GLY D 49 19.56 -8.78 28.04
C GLY D 49 18.20 -8.44 28.61
N GLY D 50 17.83 -7.15 28.59
CA GLY D 50 16.59 -6.70 29.18
C GLY D 50 15.37 -7.29 28.49
N ASP D 51 14.22 -7.10 29.14
CA ASP D 51 12.97 -7.65 28.64
C ASP D 51 12.61 -7.09 27.26
N ILE D 52 11.99 -7.93 26.44
CA ILE D 52 11.44 -7.52 25.16
C ILE D 52 9.97 -7.92 25.13
N PRO D 53 9.07 -6.97 25.41
CA PRO D 53 7.63 -7.28 25.32
C PRO D 53 7.19 -7.86 23.98
N PHE D 54 7.78 -7.42 22.86
CA PHE D 54 7.30 -7.89 21.56
C PHE D 54 8.45 -7.86 20.56
N ARG D 55 8.86 -9.04 20.09
CA ARG D 55 9.77 -9.18 18.95
C ARG D 55 9.01 -9.75 17.77
N PHE D 56 9.12 -9.08 16.65
CA PHE D 56 8.58 -9.53 15.38
C PHE D 56 9.74 -9.98 14.50
N TRP D 57 9.69 -11.22 14.04
CA TRP D 57 10.77 -11.75 13.24
C TRP D 57 10.19 -12.36 11.97
N TYR D 58 10.86 -12.11 10.84
CA TYR D 58 10.43 -12.67 9.56
C TYR D 58 11.63 -13.21 8.80
N CYS D 59 11.41 -14.36 8.16
CA CYS D 59 12.36 -14.94 7.22
C CYS D 59 11.73 -16.09 6.44
N ASP D 60 11.87 -16.06 5.11
CA ASP D 60 11.52 -17.18 4.24
C ASP D 60 10.07 -17.64 4.45
N GLY D 61 9.15 -16.68 4.30
CA GLY D 61 7.74 -17.00 4.38
C GLY D 61 7.22 -17.27 5.77
N ILE D 62 8.01 -17.03 6.81
CA ILE D 62 7.61 -17.37 8.17
C ILE D 62 7.75 -16.16 9.09
N VAL D 63 6.69 -15.88 9.85
CA VAL D 63 6.71 -14.87 10.91
C VAL D 63 6.76 -15.60 12.25
N VAL D 64 7.66 -15.17 13.12
CA VAL D 64 7.72 -15.69 14.48
C VAL D 64 7.69 -14.50 15.45
N MET D 65 6.73 -14.52 16.38
CA MET D 65 6.58 -13.48 17.39
C MET D 65 6.68 -14.09 18.77
N ASN D 66 7.32 -13.38 19.69
CA ASN D 66 7.54 -13.92 21.02
C ASN D 66 7.88 -12.77 21.97
N THR D 67 8.05 -13.12 23.24
CA THR D 67 8.32 -12.17 24.31
C THR D 67 9.50 -12.69 25.11
N LEU D 68 10.35 -11.78 25.55
CA LEU D 68 11.51 -12.10 26.36
C LEU D 68 11.30 -11.48 27.74
N LYS D 69 11.19 -12.33 28.75
CA LYS D 69 10.94 -11.92 30.13
C LYS D 69 11.90 -12.66 31.05
N ASP D 70 12.69 -11.91 31.82
CA ASP D 70 13.59 -12.48 32.82
C ASP D 70 14.51 -13.52 32.21
N GLY D 71 15.01 -13.23 31.01
CA GLY D 71 15.96 -14.11 30.37
C GLY D 71 15.37 -15.33 29.68
N SER D 72 14.05 -15.47 29.67
CA SER D 72 13.41 -16.61 29.02
C SER D 72 12.50 -16.12 27.91
N TRP D 73 12.65 -16.70 26.73
CA TRP D 73 11.66 -16.50 25.68
C TRP D 73 10.45 -17.37 25.96
N GLY D 74 9.27 -16.84 25.65
CA GLY D 74 8.03 -17.55 25.85
C GLY D 74 7.73 -18.49 24.70
N LYS D 75 6.43 -18.79 24.55
CA LYS D 75 5.98 -19.66 23.48
C LYS D 75 5.80 -18.86 22.20
N GLU D 76 6.53 -19.24 21.15
CA GLU D 76 6.41 -18.56 19.86
C GLU D 76 4.98 -18.54 19.37
N GLN D 77 4.61 -17.42 18.76
CA GLN D 77 3.51 -17.38 17.83
C GLN D 77 4.12 -17.37 16.42
N LYS D 78 3.82 -18.41 15.65
CA LYS D 78 4.44 -18.64 14.35
C LYS D 78 3.36 -18.75 13.28
N LEU D 79 3.65 -18.25 12.08
CA LEU D 79 2.67 -18.31 10.98
C LEU D 79 3.39 -18.12 9.66
N HIS D 80 2.67 -18.42 8.58
CA HIS D 80 3.19 -18.32 7.23
C HIS D 80 2.60 -17.11 6.51
N THR D 81 3.43 -16.38 5.78
CA THR D 81 2.91 -15.29 4.97
C THR D 81 3.78 -15.10 3.74
N GLU D 82 3.14 -14.65 2.66
CA GLU D 82 3.81 -14.34 1.41
C GLU D 82 3.91 -12.83 1.15
N ALA D 83 3.63 -12.01 2.16
CA ALA D 83 3.51 -10.56 1.93
C ALA D 83 4.86 -9.91 1.64
N PHE D 84 5.96 -10.47 2.15
CA PHE D 84 7.29 -9.94 1.88
C PHE D 84 7.81 -10.55 0.59
N VAL D 85 7.35 -9.99 -0.53
CA VAL D 85 7.81 -10.44 -1.85
C VAL D 85 9.32 -10.29 -1.93
N PRO D 86 10.04 -11.32 -2.36
CA PRO D 86 11.52 -11.26 -2.29
C PRO D 86 12.08 -10.11 -3.12
N GLY D 87 13.06 -9.43 -2.53
CA GLY D 87 13.73 -8.36 -3.24
C GLY D 87 12.90 -7.12 -3.53
N GLN D 88 11.72 -6.97 -2.91
CA GLN D 88 10.85 -5.83 -3.19
C GLN D 88 10.82 -4.82 -2.03
N PRO D 89 10.50 -3.56 -2.33
CA PRO D 89 10.14 -2.63 -1.26
C PRO D 89 8.87 -3.09 -0.55
N PHE D 90 8.84 -2.92 0.76
CA PHE D 90 7.64 -3.23 1.50
C PHE D 90 7.35 -2.11 2.50
N GLU D 91 6.10 -2.07 2.96
CA GLU D 91 5.69 -1.18 4.03
C GLU D 91 5.11 -2.03 5.14
N LEU D 92 5.71 -1.92 6.33
CA LEU D 92 5.35 -2.72 7.50
C LEU D 92 4.79 -1.81 8.58
N GLN D 93 3.59 -2.13 9.05
CA GLN D 93 2.90 -1.31 10.05
C GLN D 93 2.69 -2.11 11.33
N PHE D 94 2.98 -1.48 12.47
CA PHE D 94 2.55 -1.99 13.77
C PHE D 94 1.58 -0.99 14.38
N LEU D 95 0.36 -1.44 14.60
CA LEU D 95 -0.65 -0.67 15.32
C LEU D 95 -0.70 -1.20 16.76
N VAL D 96 -0.45 -0.33 17.73
CA VAL D 96 -0.48 -0.70 19.14
C VAL D 96 -1.86 -0.35 19.68
N LEU D 97 -2.62 -1.36 20.11
CA LEU D 97 -3.94 -1.15 20.74
C LEU D 97 -3.91 -1.66 22.17
N GLU D 98 -5.00 -1.44 22.91
CA GLU D 98 -4.99 -1.79 24.33
C GLU D 98 -4.79 -3.28 24.54
N ASN D 99 -5.25 -4.11 23.59
CA ASN D 99 -5.25 -5.56 23.72
C ASN D 99 -4.13 -6.25 22.92
N GLU D 100 -3.57 -5.63 21.90
CA GLU D 100 -2.69 -6.35 20.99
C GLU D 100 -1.92 -5.38 20.11
N TYR D 101 -0.85 -5.87 19.50
CA TYR D 101 -0.27 -5.24 18.31
C TYR D 101 -0.96 -5.82 17.09
N GLN D 102 -1.29 -4.97 16.13
CA GLN D 102 -1.78 -5.43 14.83
C GLN D 102 -0.72 -5.14 13.79
N VAL D 103 -0.45 -6.12 12.93
CA VAL D 103 0.62 -6.04 11.93
C VAL D 103 0.00 -5.97 10.54
N PHE D 104 0.40 -4.98 9.77
CA PHE D 104 -0.01 -4.85 8.38
C PHE D 104 1.22 -4.79 7.51
N VAL D 105 1.14 -5.39 6.33
CA VAL D 105 2.21 -5.31 5.33
C VAL D 105 1.57 -4.90 4.02
N ASN D 106 2.03 -3.78 3.46
CA ASN D 106 1.50 -3.25 2.21
C ASN D 106 -0.03 -3.12 2.27
N ASN D 107 -0.52 -2.59 3.40
CA ASN D 107 -1.94 -2.31 3.65
C ASN D 107 -2.80 -3.55 3.82
N LYS D 108 -2.22 -4.70 4.17
CA LYS D 108 -2.97 -5.92 4.38
C LYS D 108 -2.73 -6.45 5.78
N PRO D 109 -3.78 -6.84 6.52
CA PRO D 109 -3.56 -7.43 7.84
C PRO D 109 -2.86 -8.78 7.69
N ILE D 110 -1.85 -8.99 8.51
CA ILE D 110 -1.03 -10.20 8.45
C ILE D 110 -1.23 -11.07 9.70
N CYS D 111 -1.19 -10.44 10.88
CA CYS D 111 -1.23 -11.19 12.12
C CYS D 111 -1.33 -10.18 13.26
N GLN D 112 -1.72 -10.67 14.43
CA GLN D 112 -1.85 -9.85 15.63
C GLN D 112 -1.18 -10.56 16.80
N PHE D 113 -0.77 -9.77 17.78
CA PHE D 113 0.00 -10.29 18.92
C PHE D 113 -0.55 -9.71 20.21
N ALA D 114 -1.25 -10.53 20.98
CA ALA D 114 -1.78 -10.10 22.28
C ALA D 114 -0.64 -9.72 23.21
N HIS D 115 -0.83 -8.62 23.94
CA HIS D 115 0.20 -8.16 24.86
C HIS D 115 0.50 -9.22 25.89
N ARG D 116 1.79 -9.41 26.18
CA ARG D 116 2.25 -10.29 27.24
C ARG D 116 2.95 -9.54 28.36
N LEU D 117 3.62 -8.45 28.04
CA LEU D 117 4.12 -7.47 28.99
C LEU D 117 3.44 -6.13 28.69
N PRO D 118 3.41 -5.20 29.65
CA PRO D 118 2.66 -3.96 29.43
C PRO D 118 3.28 -3.13 28.31
N LEU D 119 2.40 -2.62 27.42
CA LEU D 119 2.87 -1.74 26.35
C LEU D 119 3.56 -0.50 26.90
N GLN D 120 3.17 -0.06 28.11
CA GLN D 120 3.80 1.07 28.77
C GLN D 120 5.25 0.79 29.15
N SER D 121 5.70 -0.45 29.15
CA SER D 121 7.09 -0.71 29.52
C SER D 121 8.03 -0.67 28.32
N VAL D 122 7.50 -0.52 27.11
CA VAL D 122 8.34 -0.44 25.91
C VAL D 122 8.97 0.95 25.88
N LYS D 123 10.31 0.99 25.82
CA LYS D 123 11.05 2.23 25.77
C LYS D 123 11.89 2.41 24.52
N MET D 124 12.06 1.36 23.71
CA MET D 124 13.04 1.39 22.65
C MET D 124 12.53 0.57 21.47
N LEU D 125 12.52 1.18 20.28
CA LEU D 125 12.21 0.49 19.04
C LEU D 125 13.52 0.18 18.32
N ASP D 126 13.68 -1.08 17.91
CA ASP D 126 14.88 -1.55 17.21
C ASP D 126 14.44 -2.23 15.91
N VAL D 127 14.98 -1.77 14.79
CA VAL D 127 14.69 -2.33 13.48
C VAL D 127 16.01 -2.74 12.83
N ARG D 128 16.07 -3.98 12.36
CA ARG D 128 17.29 -4.47 11.71
C ARG D 128 16.92 -5.59 10.76
N GLY D 129 17.85 -5.91 9.87
CA GLY D 129 17.72 -7.07 9.02
C GLY D 129 18.50 -6.91 7.74
N ASP D 130 18.27 -7.86 6.84
CA ASP D 130 18.85 -7.84 5.50
C ASP D 130 17.98 -6.97 4.61
N ILE D 131 18.01 -5.68 4.92
CA ILE D 131 17.11 -4.71 4.33
C ILE D 131 17.88 -3.41 4.12
N VAL D 132 17.42 -2.63 3.15
CA VAL D 132 17.79 -1.23 3.04
C VAL D 132 16.64 -0.45 3.66
N LEU D 133 16.90 0.18 4.81
CA LEU D 133 15.85 0.81 5.60
C LEU D 133 15.70 2.26 5.18
N THR D 134 14.53 2.63 4.63
CA THR D 134 14.37 3.97 4.06
C THR D 134 13.63 4.94 4.97
N SER D 135 12.66 4.49 5.77
CA SER D 135 12.04 5.40 6.73
C SER D 135 11.42 4.61 7.88
N VAL D 136 11.37 5.24 9.05
CA VAL D 136 10.65 4.75 10.23
C VAL D 136 9.87 5.93 10.81
N ASP D 137 8.55 5.78 10.90
CA ASP D 137 7.69 6.85 11.38
C ASP D 137 6.79 6.36 12.51
N THR D 138 6.48 7.25 13.45
CA THR D 138 5.62 6.91 14.56
C THR D 138 4.63 8.05 14.80
N LEU D 139 3.42 7.70 15.22
CA LEU D 139 2.43 8.71 15.57
C LEU D 139 1.65 8.28 16.81
N SER E 5 5.38 11.14 28.65
CA SER E 5 6.44 11.78 27.88
C SER E 5 7.49 10.78 27.36
N LEU E 6 8.50 11.28 26.63
CA LEU E 6 9.45 10.42 25.95
C LEU E 6 10.61 10.03 26.87
N PRO E 7 11.28 8.91 26.58
CA PRO E 7 12.49 8.56 27.32
C PRO E 7 13.52 9.68 27.29
N ASN E 8 14.27 9.77 28.38
CA ASN E 8 15.25 10.83 28.57
C ASN E 8 16.39 10.23 29.37
N PRO E 9 17.55 10.02 28.73
CA PRO E 9 17.92 10.38 27.34
C PRO E 9 17.10 9.71 26.24
N TYR E 10 17.02 10.42 25.12
CA TYR E 10 16.31 10.01 23.92
C TYR E 10 17.34 9.69 22.83
N LEU E 11 17.21 8.53 22.19
CA LEU E 11 18.05 8.14 21.06
C LEU E 11 17.23 7.96 19.79
N GLN E 12 17.81 8.36 18.66
CA GLN E 12 17.20 8.08 17.36
C GLN E 12 18.29 8.01 16.31
N SER E 13 18.37 6.87 15.62
CA SER E 13 19.23 6.76 14.45
C SER E 13 18.78 7.73 13.37
N VAL E 14 19.74 8.43 12.76
CA VAL E 14 19.42 9.43 11.76
C VAL E 14 20.36 9.31 10.58
N SER E 15 19.94 9.96 9.49
CA SER E 15 20.77 10.14 8.30
C SER E 15 20.49 11.56 7.81
N LEU E 16 21.47 12.45 7.95
CA LEU E 16 21.26 13.86 7.64
C LEU E 16 21.44 14.14 6.14
N THR E 17 20.95 15.31 5.71
CA THR E 17 21.14 15.81 4.35
C THR E 17 21.44 17.30 4.45
N VAL E 18 21.60 17.94 3.28
CA VAL E 18 21.85 19.38 3.26
C VAL E 18 20.55 20.17 3.37
N CYS E 19 19.43 19.50 3.59
CA CYS E 19 18.18 20.20 3.88
C CYS E 19 17.39 19.29 4.82
N TYR E 20 17.62 19.47 6.11
CA TYR E 20 17.18 18.49 7.10
C TYR E 20 16.88 19.23 8.39
N MET E 21 15.79 18.83 9.03
CA MET E 21 15.35 19.55 10.22
C MET E 21 15.09 18.57 11.36
N VAL E 22 15.50 19.00 12.55
CA VAL E 22 15.19 18.36 13.81
C VAL E 22 14.37 19.36 14.61
N LYS E 23 13.19 18.95 15.06
CA LYS E 23 12.39 19.79 15.94
C LYS E 23 12.16 19.07 17.25
N ILE E 24 12.58 19.70 18.35
CA ILE E 24 12.40 19.18 19.70
C ILE E 24 11.43 20.07 20.47
N LYS E 25 10.44 19.45 21.10
CA LYS E 25 9.53 20.14 22.02
C LYS E 25 9.73 19.59 23.42
N ALA E 26 9.90 20.46 24.40
CA ALA E 26 10.13 19.99 25.75
C ALA E 26 9.79 21.09 26.74
N ASN E 27 9.51 20.68 27.99
CA ASN E 27 9.35 21.61 29.11
C ASN E 27 10.64 21.63 29.91
N LEU E 28 11.18 22.82 30.16
CA LEU E 28 12.35 22.93 31.01
C LEU E 28 11.93 22.80 32.47
N LEU E 29 12.63 21.96 33.22
CA LEU E 29 12.33 21.73 34.62
C LEU E 29 12.93 22.83 35.49
N SER E 30 12.56 22.82 36.77
CA SER E 30 13.15 23.68 37.80
C SER E 30 13.71 22.79 38.91
N PRO E 31 14.81 22.08 38.63
CA PRO E 31 15.37 21.19 39.67
C PRO E 31 15.82 21.99 40.88
N PHE E 32 15.79 21.34 42.05
CA PHE E 32 15.90 22.06 43.31
C PHE E 32 17.28 22.71 43.46
N GLY E 33 18.34 21.93 43.36
CA GLY E 33 19.66 22.42 43.69
C GLY E 33 20.60 22.49 42.52
N LYS E 34 20.10 22.95 41.38
CA LYS E 34 20.94 23.17 40.21
C LYS E 34 20.14 23.92 39.15
N ASN E 35 20.86 24.45 38.19
CA ASN E 35 20.22 25.02 37.01
C ASN E 35 19.97 23.90 36.01
N PRO E 36 18.78 23.81 35.43
CA PRO E 36 18.50 22.73 34.46
C PRO E 36 19.41 22.84 33.25
N GLU E 37 19.93 21.70 32.81
CA GLU E 37 20.77 21.59 31.62
C GLU E 37 19.97 20.97 30.47
N LEU E 38 20.45 21.24 29.25
CA LEU E 38 19.90 20.68 28.01
C LEU E 38 21.06 20.33 27.10
N GLN E 39 21.03 19.12 26.53
CA GLN E 39 22.12 18.65 25.67
C GLN E 39 21.57 17.90 24.46
N VAL E 40 22.05 18.23 23.27
CA VAL E 40 21.68 17.56 22.02
C VAL E 40 22.96 17.18 21.30
N ASP E 41 23.14 15.88 21.04
CA ASP E 41 24.29 15.36 20.30
C ASP E 41 23.90 14.92 18.90
N PHE E 42 24.61 15.46 17.91
CA PHE E 42 24.65 14.91 16.57
C PHE E 42 25.96 14.10 16.48
N GLY E 43 25.85 12.81 16.77
CA GLY E 43 27.03 11.97 16.91
C GLY E 43 27.15 10.90 15.85
N THR E 44 28.34 10.32 15.74
CA THR E 44 28.58 9.26 14.77
C THR E 44 28.01 7.91 15.19
N GLY E 45 27.66 7.73 16.46
CA GLY E 45 27.12 6.45 16.89
C GLY E 45 28.08 5.30 16.71
N THR E 46 29.36 5.52 17.04
CA THR E 46 30.42 4.52 16.92
C THR E 46 30.89 4.05 18.29
N GLY E 47 29.95 3.84 19.22
CA GLY E 47 30.29 3.43 20.57
C GLY E 47 30.71 4.59 21.45
N GLN E 48 30.83 4.31 22.74
CA GLN E 48 31.20 5.33 23.72
C GLN E 48 32.54 5.97 23.35
N GLY E 49 32.60 7.29 23.47
CA GLY E 49 33.79 8.02 23.08
C GLY E 49 33.97 8.22 21.59
N GLY E 50 33.06 7.73 20.75
CA GLY E 50 33.12 8.03 19.34
C GLY E 50 32.98 9.52 19.06
N ASP E 51 33.43 9.92 17.87
CA ASP E 51 33.38 11.32 17.47
C ASP E 51 31.97 11.90 17.57
N ILE E 52 31.88 13.18 17.89
CA ILE E 52 30.62 13.91 17.91
C ILE E 52 30.76 15.14 17.04
N PRO E 53 30.23 15.12 15.81
CA PRO E 53 30.35 16.30 14.94
C PRO E 53 29.75 17.56 15.51
N PHE E 54 28.71 17.48 16.35
CA PHE E 54 28.06 18.69 16.85
C PHE E 54 27.33 18.40 18.16
N ARG E 55 27.77 19.04 19.24
CA ARG E 55 27.07 19.00 20.52
C ARG E 55 26.55 20.39 20.84
N PHE E 56 25.26 20.47 21.16
CA PHE E 56 24.61 21.68 21.61
C PHE E 56 24.28 21.51 23.09
N TRP E 57 24.74 22.47 23.90
CA TRP E 57 24.58 22.41 25.35
C TRP E 57 24.08 23.76 25.83
N TYR E 58 23.10 23.73 26.73
CA TYR E 58 22.54 24.94 27.28
C TYR E 58 22.39 24.81 28.79
N CYS E 59 22.84 25.83 29.51
CA CYS E 59 22.49 25.95 30.93
C CYS E 59 22.61 27.41 31.34
N ASP E 60 21.61 27.91 32.06
CA ASP E 60 21.76 29.15 32.81
C ASP E 60 22.19 30.31 31.90
N GLY E 61 21.39 30.53 30.86
CA GLY E 61 21.65 31.63 29.95
C GLY E 61 22.86 31.48 29.05
N ILE E 62 23.46 30.28 28.98
CA ILE E 62 24.68 30.09 28.19
C ILE E 62 24.52 28.89 27.27
N VAL E 63 24.92 29.07 26.01
CA VAL E 63 25.00 27.99 25.04
C VAL E 63 26.47 27.72 24.75
N VAL E 64 26.84 26.45 24.73
CA VAL E 64 28.17 26.04 24.31
C VAL E 64 28.01 24.96 23.25
N MET E 65 28.71 25.15 22.14
CA MET E 65 28.71 24.22 21.02
C MET E 65 30.14 23.82 20.71
N ASN E 66 30.33 22.54 20.37
CA ASN E 66 31.68 22.04 20.17
C ASN E 66 31.61 20.73 19.40
N THR E 67 32.80 20.25 19.00
CA THR E 67 32.99 19.04 18.22
C THR E 67 33.99 18.15 18.94
N LEU E 68 33.63 16.88 19.14
CA LEU E 68 34.53 15.89 19.69
C LEU E 68 35.15 15.09 18.54
N LYS E 69 36.47 15.24 18.37
CA LYS E 69 37.20 14.46 17.37
C LYS E 69 38.39 13.78 18.01
N ASP E 70 38.50 12.47 17.78
CA ASP E 70 39.61 11.64 18.25
C ASP E 70 39.85 11.81 19.74
N GLY E 71 38.76 11.81 20.50
CA GLY E 71 38.83 11.85 21.95
C GLY E 71 38.98 13.23 22.56
N SER E 72 39.03 14.29 21.77
CA SER E 72 39.21 15.61 22.37
C SER E 72 38.28 16.65 21.76
N TRP E 73 37.77 17.51 22.62
CA TRP E 73 36.92 18.61 22.18
C TRP E 73 37.77 19.72 21.57
N GLY E 74 37.19 20.42 20.60
CA GLY E 74 37.86 21.51 19.92
C GLY E 74 37.65 22.83 20.64
N LYS E 75 37.88 23.91 19.90
CA LYS E 75 37.58 25.25 20.43
C LYS E 75 36.07 25.46 20.50
N GLU E 76 35.55 25.67 21.70
CA GLU E 76 34.12 25.92 21.88
C GLU E 76 33.67 27.11 21.06
N GLN E 77 32.36 27.15 20.81
CA GLN E 77 31.67 28.37 20.45
C GLN E 77 30.61 28.60 21.53
N LYS E 78 30.69 29.75 22.20
CA LYS E 78 29.95 30.00 23.43
C LYS E 78 29.22 31.33 23.33
N LEU E 79 28.00 31.39 23.84
CA LEU E 79 27.22 32.62 23.69
C LEU E 79 26.13 32.66 24.76
N HIS E 80 25.56 33.86 24.95
CA HIS E 80 24.45 34.05 25.88
C HIS E 80 23.13 34.15 25.15
N THR E 81 22.08 33.61 25.77
CA THR E 81 20.75 33.71 25.21
C THR E 81 19.74 33.71 26.35
N GLU E 82 18.65 34.44 26.13
CA GLU E 82 17.54 34.46 27.07
C GLU E 82 16.38 33.58 26.60
N ALA E 83 16.58 32.76 25.58
CA ALA E 83 15.45 32.14 24.91
C ALA E 83 14.82 31.03 25.77
N PHE E 84 15.60 30.36 26.61
CA PHE E 84 15.07 29.25 27.42
C PHE E 84 14.57 29.80 28.74
N VAL E 85 13.27 30.07 28.82
CA VAL E 85 12.65 30.53 30.05
C VAL E 85 12.40 29.31 30.93
N PRO E 86 12.98 29.26 32.13
CA PRO E 86 12.86 28.04 32.95
C PRO E 86 11.43 27.86 33.43
N GLY E 87 11.01 26.61 33.51
CA GLY E 87 9.63 26.29 33.76
C GLY E 87 8.72 26.35 32.56
N GLN E 88 9.19 26.87 31.39
CA GLN E 88 8.28 27.04 30.27
C GLN E 88 8.53 26.01 29.17
N PRO E 89 7.49 25.54 28.50
CA PRO E 89 7.71 24.75 27.29
C PRO E 89 8.50 25.57 26.28
N PHE E 90 9.37 24.89 25.56
CA PHE E 90 10.10 25.52 24.47
C PHE E 90 10.06 24.60 23.26
N GLU E 91 10.45 25.17 22.13
CA GLU E 91 10.61 24.41 20.90
C GLU E 91 11.97 24.76 20.34
N LEU E 92 12.77 23.74 20.09
CA LEU E 92 14.16 23.88 19.69
C LEU E 92 14.33 23.22 18.33
N GLN E 93 14.86 23.96 17.38
CA GLN E 93 14.99 23.45 16.02
C GLN E 93 16.45 23.46 15.60
N PHE E 94 16.88 22.37 15.00
CA PHE E 94 18.15 22.30 14.29
C PHE E 94 17.85 22.14 12.80
N LEU E 95 18.38 23.07 12.02
CA LEU E 95 18.32 23.03 10.55
C LEU E 95 19.71 22.67 10.05
N VAL E 96 19.82 21.54 9.35
CA VAL E 96 21.09 21.10 8.78
C VAL E 96 21.15 21.57 7.33
N LEU E 97 22.13 22.41 7.03
CA LEU E 97 22.39 22.92 5.68
C LEU E 97 23.78 22.49 5.26
N GLU E 98 24.09 22.71 3.98
CA GLU E 98 25.35 22.24 3.43
C GLU E 98 26.55 22.77 4.23
N ASN E 99 26.44 24.00 4.73
CA ASN E 99 27.53 24.74 5.33
C ASN E 99 27.52 24.77 6.86
N GLU E 100 26.36 24.54 7.50
CA GLU E 100 26.27 24.83 8.92
C GLU E 100 24.99 24.24 9.48
N TYR E 101 24.96 24.14 10.82
CA TYR E 101 23.72 23.93 11.55
C TYR E 101 23.16 25.29 11.91
N GLN E 102 21.84 25.44 11.82
CA GLN E 102 21.18 26.66 12.28
C GLN E 102 20.26 26.28 13.44
N VAL E 103 20.31 27.07 14.51
CA VAL E 103 19.57 26.80 15.74
C VAL E 103 18.46 27.84 15.89
N PHE E 104 17.25 27.36 16.16
CA PHE E 104 16.12 28.22 16.45
C PHE E 104 15.46 27.75 17.73
N VAL E 105 15.06 28.71 18.56
CA VAL E 105 14.28 28.45 19.76
C VAL E 105 13.02 29.31 19.68
N ASN E 106 11.86 28.67 19.75
CA ASN E 106 10.58 29.37 19.71
C ASN E 106 10.48 30.30 18.50
N ASN E 107 10.86 29.77 17.33
CA ASN E 107 10.78 30.45 16.02
C ASN E 107 11.67 31.69 15.96
N LYS E 108 12.75 31.71 16.74
CA LYS E 108 13.70 32.81 16.71
C LYS E 108 15.11 32.26 16.52
N PRO E 109 15.90 32.85 15.62
CA PRO E 109 17.26 32.32 15.40
C PRO E 109 18.17 32.64 16.58
N ILE E 110 18.95 31.64 17.01
CA ILE E 110 19.78 31.75 18.21
C ILE E 110 21.26 31.83 17.85
N CYS E 111 21.73 30.92 17.01
CA CYS E 111 23.15 30.77 16.72
C CYS E 111 23.29 29.75 15.60
N GLN E 112 24.48 29.71 15.00
CA GLN E 112 24.81 28.78 13.93
C GLN E 112 26.17 28.13 14.21
N PHE E 113 26.39 26.95 13.63
CA PHE E 113 27.60 26.17 13.90
C PHE E 113 28.09 25.61 12.57
N ALA E 114 29.19 26.15 12.07
CA ALA E 114 29.74 25.63 10.82
C ALA E 114 30.20 24.18 11.03
N HIS E 115 29.93 23.33 10.04
CA HIS E 115 30.35 21.93 10.11
C HIS E 115 31.86 21.83 10.31
N ARG E 116 32.27 21.00 11.26
CA ARG E 116 33.68 20.66 11.41
C ARG E 116 33.97 19.24 10.95
N LEU E 117 33.04 18.32 11.16
CA LEU E 117 33.08 16.97 10.63
C LEU E 117 31.91 16.79 9.68
N PRO E 118 32.01 15.91 8.69
CA PRO E 118 30.96 15.87 7.65
C PRO E 118 29.61 15.56 8.25
N LEU E 119 28.59 16.31 7.80
CA LEU E 119 27.23 16.03 8.26
C LEU E 119 26.82 14.61 7.90
N GLN E 120 27.45 14.04 6.87
CA GLN E 120 27.16 12.68 6.44
C GLN E 120 27.61 11.65 7.45
N SER E 121 28.52 11.99 8.36
CA SER E 121 29.02 11.05 9.33
C SER E 121 28.15 10.92 10.58
N VAL E 122 27.17 11.82 10.73
CA VAL E 122 26.25 11.75 11.87
C VAL E 122 25.29 10.58 11.67
N LYS E 123 25.21 9.70 12.67
CA LYS E 123 24.33 8.53 12.64
C LYS E 123 23.33 8.45 13.79
N MET E 124 23.52 9.22 14.86
CA MET E 124 22.72 9.05 16.06
C MET E 124 22.41 10.42 16.64
N LEU E 125 21.14 10.63 16.93
CA LEU E 125 20.68 11.84 17.61
C LEU E 125 20.43 11.47 19.07
N ASP E 126 20.96 12.29 19.97
CA ASP E 126 20.83 12.09 21.40
C ASP E 126 20.32 13.38 22.01
N VAL E 127 19.24 13.29 22.77
CA VAL E 127 18.63 14.44 23.43
C VAL E 127 18.47 14.08 24.90
N ARG E 128 18.94 14.96 25.79
CA ARG E 128 18.84 14.68 27.22
C ARG E 128 18.88 15.99 28.00
N GLY E 129 18.56 15.90 29.29
CA GLY E 129 18.73 17.03 30.17
C GLY E 129 17.63 17.07 31.21
N ASP E 130 17.58 18.19 31.92
CA ASP E 130 16.58 18.40 32.96
C ASP E 130 15.29 18.93 32.34
N ILE E 131 14.64 18.05 31.58
CA ILE E 131 13.51 18.44 30.75
C ILE E 131 12.45 17.36 30.85
N VAL E 132 11.22 17.73 30.52
CA VAL E 132 10.19 16.79 30.13
C VAL E 132 10.14 16.80 28.60
N LEU E 133 10.65 15.74 27.98
CA LEU E 133 10.73 15.67 26.53
C LEU E 133 9.38 15.20 26.00
N THR E 134 8.67 16.06 25.29
CA THR E 134 7.36 15.67 24.80
C THR E 134 7.39 15.16 23.36
N SER E 135 8.22 15.73 22.47
CA SER E 135 8.27 15.21 21.11
C SER E 135 9.62 15.52 20.47
N VAL E 136 9.98 14.67 19.50
CA VAL E 136 11.20 14.82 18.70
C VAL E 136 10.85 14.41 17.27
N ASP E 137 10.98 15.33 16.33
CA ASP E 137 10.58 15.08 14.96
C ASP E 137 11.70 15.44 14.01
N THR E 138 11.76 14.74 12.88
CA THR E 138 12.77 15.02 11.87
C THR E 138 12.16 14.95 10.48
N LEU E 139 12.64 15.84 9.62
CA LEU E 139 12.27 15.84 8.21
C LEU E 139 13.49 16.32 7.44
N SER F 5 -23.00 -13.19 -19.11
CA SER F 5 -21.82 -12.47 -19.61
C SER F 5 -20.63 -13.39 -19.98
N LEU F 6 -19.58 -12.77 -20.58
CA LEU F 6 -18.45 -13.51 -21.12
C LEU F 6 -17.51 -13.97 -20.01
N PRO F 7 -16.78 -15.08 -20.22
CA PRO F 7 -15.73 -15.47 -19.28
C PRO F 7 -14.76 -14.33 -18.98
N ASN F 8 -14.30 -14.29 -17.74
CA ASN F 8 -13.38 -13.26 -17.25
C ASN F 8 -12.42 -13.95 -16.31
N PRO F 9 -11.15 -14.14 -16.73
CA PRO F 9 -10.48 -13.64 -17.94
C PRO F 9 -10.98 -14.17 -19.28
N TYR F 10 -10.80 -13.34 -20.31
CA TYR F 10 -11.26 -13.62 -21.67
C TYR F 10 -10.05 -13.76 -22.58
N LEU F 11 -10.04 -14.81 -23.39
CA LEU F 11 -8.94 -15.08 -24.33
C LEU F 11 -9.46 -15.16 -25.75
N GLN F 12 -8.67 -14.65 -26.69
CA GLN F 12 -8.96 -14.82 -28.11
C GLN F 12 -7.66 -14.78 -28.89
N SER F 13 -7.39 -15.85 -29.64
CA SER F 13 -6.30 -15.84 -30.61
C SER F 13 -6.57 -14.76 -31.66
N VAL F 14 -5.55 -13.96 -31.97
CA VAL F 14 -5.71 -12.87 -32.91
C VAL F 14 -4.51 -12.83 -33.87
N SER F 15 -4.75 -12.24 -35.03
CA SER F 15 -3.71 -11.85 -35.99
C SER F 15 -3.94 -10.37 -36.31
N LEU F 16 -3.00 -9.52 -35.92
CA LEU F 16 -3.16 -8.07 -36.08
C LEU F 16 -2.66 -7.63 -37.47
N THR F 17 -3.11 -6.43 -37.89
CA THR F 17 -2.62 -5.76 -39.10
C THR F 17 -2.41 -4.28 -38.79
N VAL F 18 -1.99 -3.53 -39.83
CA VAL F 18 -1.81 -2.08 -39.68
C VAL F 18 -3.13 -1.32 -39.74
N CYS F 19 -4.25 -2.03 -39.86
CA CYS F 19 -5.57 -1.41 -39.78
C CYS F 19 -6.49 -2.45 -39.15
N TYR F 20 -6.52 -2.47 -37.82
CA TYR F 20 -7.18 -3.50 -37.07
C TYR F 20 -7.79 -2.89 -35.81
N MET F 21 -8.99 -3.37 -35.43
CA MET F 21 -9.72 -2.80 -34.31
C MET F 21 -10.20 -3.87 -33.36
N VAL F 22 -10.02 -3.60 -32.06
CA VAL F 22 -10.63 -4.34 -30.97
C VAL F 22 -11.63 -3.43 -30.27
N LYS F 23 -12.82 -3.94 -30.01
CA LYS F 23 -13.86 -3.17 -29.31
C LYS F 23 -14.36 -3.99 -28.12
N ILE F 24 -14.09 -3.52 -26.91
CA ILE F 24 -14.53 -4.17 -25.68
C ILE F 24 -15.68 -3.38 -25.09
N LYS F 25 -16.74 -4.08 -24.68
CA LYS F 25 -17.85 -3.48 -23.95
C LYS F 25 -17.99 -4.16 -22.60
N ALA F 26 -18.02 -3.39 -21.52
CA ALA F 26 -18.05 -3.97 -20.19
C ALA F 26 -18.65 -2.99 -19.21
N ASN F 27 -19.07 -3.51 -18.05
CA ASN F 27 -19.51 -2.71 -16.91
C ASN F 27 -18.38 -2.73 -15.89
N LEU F 28 -17.85 -1.55 -15.57
CA LEU F 28 -16.86 -1.47 -14.49
C LEU F 28 -17.57 -1.66 -13.16
N LEU F 29 -17.11 -2.63 -12.36
CA LEU F 29 -17.73 -2.89 -11.08
C LEU F 29 -17.46 -1.76 -10.11
N SER F 30 -18.23 -1.74 -9.02
CA SER F 30 -18.08 -0.76 -7.95
C SER F 30 -17.94 -1.48 -6.62
N PRO F 31 -16.78 -2.13 -6.38
CA PRO F 31 -16.58 -2.80 -5.10
C PRO F 31 -16.47 -1.80 -3.96
N PHE F 32 -16.87 -2.25 -2.76
CA PHE F 32 -16.82 -1.37 -1.60
C PHE F 32 -15.38 -1.16 -1.12
N GLY F 33 -14.62 -2.24 -0.96
CA GLY F 33 -13.32 -2.13 -0.34
C GLY F 33 -12.14 -2.15 -1.30
N LYS F 34 -12.31 -1.62 -2.51
CA LYS F 34 -11.29 -1.82 -3.53
C LYS F 34 -11.59 -0.94 -4.72
N ASN F 35 -10.54 -0.43 -5.36
CA ASN F 35 -10.74 0.23 -6.64
C ASN F 35 -10.68 -0.81 -7.76
N PRO F 36 -11.64 -0.81 -8.68
CA PRO F 36 -11.67 -1.85 -9.71
C PRO F 36 -10.58 -1.62 -10.74
N GLU F 37 -10.03 -2.73 -11.24
CA GLU F 37 -8.92 -2.73 -12.18
C GLU F 37 -9.36 -3.27 -13.53
N LEU F 38 -8.62 -2.89 -14.56
CA LEU F 38 -8.84 -3.41 -15.91
C LEU F 38 -7.50 -3.67 -16.58
N GLN F 39 -7.37 -4.83 -17.21
CA GLN F 39 -6.13 -5.17 -17.88
C GLN F 39 -6.42 -5.82 -19.22
N VAL F 40 -5.83 -5.27 -20.28
CA VAL F 40 -5.92 -5.85 -21.62
C VAL F 40 -4.51 -6.13 -22.10
N ASP F 41 -4.25 -7.38 -22.49
CA ASP F 41 -2.96 -7.81 -22.99
C ASP F 41 -3.03 -8.15 -24.47
N PHE F 42 -2.15 -7.51 -25.24
CA PHE F 42 -1.83 -7.94 -26.60
C PHE F 42 -0.53 -8.73 -26.45
N GLY F 43 -0.66 -10.05 -26.30
CA GLY F 43 0.45 -10.92 -25.97
C GLY F 43 0.79 -11.89 -27.08
N THR F 44 1.92 -12.56 -26.91
CA THR F 44 2.43 -13.51 -27.89
C THR F 44 1.87 -14.91 -27.70
N GLY F 45 1.10 -15.13 -26.64
CA GLY F 45 0.51 -16.44 -26.38
C GLY F 45 1.52 -17.57 -26.52
N THR F 46 2.62 -17.48 -25.77
CA THR F 46 3.65 -18.51 -25.71
C THR F 46 3.84 -18.98 -24.27
N GLY F 47 2.75 -19.14 -23.53
CA GLY F 47 2.79 -19.60 -22.16
C GLY F 47 3.14 -18.50 -21.18
N GLN F 48 3.00 -18.83 -19.89
CA GLN F 48 3.28 -17.87 -18.82
C GLN F 48 4.70 -17.32 -18.95
N GLY F 49 4.82 -16.00 -18.94
CA GLY F 49 6.11 -15.35 -19.06
C GLY F 49 6.52 -14.98 -20.47
N GLY F 50 5.79 -15.44 -21.51
CA GLY F 50 6.10 -15.02 -22.86
C GLY F 50 5.91 -13.53 -23.07
N ASP F 51 6.49 -13.02 -24.16
CA ASP F 51 6.48 -11.59 -24.42
C ASP F 51 5.06 -11.04 -24.52
N ILE F 52 4.89 -9.82 -24.05
CA ILE F 52 3.66 -9.06 -24.21
C ILE F 52 3.99 -7.74 -24.88
N PRO F 53 3.84 -7.65 -26.20
CA PRO F 53 4.11 -6.38 -26.90
C PRO F 53 3.40 -5.18 -26.30
N PHE F 54 2.18 -5.35 -25.78
CA PHE F 54 1.40 -4.22 -25.30
C PHE F 54 0.46 -4.68 -24.21
N ARG F 55 0.65 -4.16 -23.00
CA ARG F 55 -0.28 -4.34 -21.91
C ARG F 55 -0.91 -2.99 -21.59
N PHE F 56 -2.24 -2.99 -21.47
CA PHE F 56 -3.00 -1.82 -21.07
C PHE F 56 -3.61 -2.08 -19.71
N TRP F 57 -3.28 -1.25 -18.72
CA TRP F 57 -3.77 -1.43 -17.36
C TRP F 57 -4.45 -0.14 -16.90
N TYR F 58 -5.60 -0.26 -16.26
CA TYR F 58 -6.30 0.88 -15.68
C TYR F 58 -6.75 0.60 -14.27
N CYS F 59 -6.57 1.59 -13.39
CA CYS F 59 -7.16 1.61 -12.06
C CYS F 59 -7.14 3.02 -11.49
N ASP F 60 -8.28 3.46 -10.94
CA ASP F 60 -8.34 4.65 -10.08
C ASP F 60 -7.76 5.87 -10.78
N GLY F 61 -8.29 6.18 -11.96
CA GLY F 61 -7.88 7.34 -12.72
C GLY F 61 -6.51 7.26 -13.38
N ILE F 62 -5.84 6.11 -13.34
CA ILE F 62 -4.49 5.97 -13.86
C ILE F 62 -4.44 4.87 -14.92
N VAL F 63 -3.85 5.19 -16.08
CA VAL F 63 -3.52 4.21 -17.10
C VAL F 63 -2.04 3.92 -17.04
N VAL F 64 -1.66 2.64 -17.06
CA VAL F 64 -0.27 2.24 -17.20
C VAL F 64 -0.14 1.32 -18.42
N MET F 65 0.75 1.68 -19.34
CA MET F 65 1.03 0.92 -20.55
C MET F 65 2.50 0.52 -20.57
N ASN F 66 2.77 -0.70 -20.99
CA ASN F 66 4.14 -1.20 -20.94
C ASN F 66 4.24 -2.42 -21.84
N THR F 67 5.46 -2.92 -21.98
CA THR F 67 5.81 -4.06 -22.80
C THR F 67 6.64 -5.03 -21.96
N LEU F 68 6.34 -6.32 -22.09
CA LEU F 68 7.15 -7.36 -21.50
C LEU F 68 7.99 -8.00 -22.61
N LYS F 69 9.32 -7.88 -22.50
CA LYS F 69 10.23 -8.42 -23.49
C LYS F 69 11.32 -9.21 -22.78
N ASP F 70 11.53 -10.45 -23.23
CA ASP F 70 12.61 -11.30 -22.72
C ASP F 70 12.61 -11.35 -21.19
N GLY F 71 11.41 -11.45 -20.62
CA GLY F 71 11.25 -11.63 -19.20
C GLY F 71 11.28 -10.37 -18.38
N SER F 72 11.35 -9.19 -19.00
CA SER F 72 11.43 -7.98 -18.19
C SER F 72 10.53 -6.89 -18.76
N TRP F 73 9.94 -6.11 -17.86
CA TRP F 73 9.10 -5.00 -18.24
C TRP F 73 9.93 -3.76 -18.52
N GLY F 74 9.52 -3.00 -19.54
CA GLY F 74 10.19 -1.76 -19.92
C GLY F 74 9.75 -0.59 -19.05
N LYS F 75 9.97 0.61 -19.57
CA LYS F 75 9.60 1.82 -18.86
C LYS F 75 8.11 2.10 -19.07
N GLU F 76 7.39 2.30 -17.98
CA GLU F 76 5.96 2.53 -18.07
C GLU F 76 5.67 3.83 -18.81
N GLN F 77 4.59 3.83 -19.58
CA GLN F 77 3.94 5.05 -20.05
C GLN F 77 2.67 5.20 -19.24
N LYS F 78 2.60 6.26 -18.45
CA LYS F 78 1.59 6.37 -17.41
C LYS F 78 0.91 7.72 -17.54
N LEU F 79 -0.41 7.72 -17.40
CA LEU F 79 -1.18 8.95 -17.55
C LEU F 79 -2.44 8.85 -16.72
N HIS F 80 -3.05 10.00 -16.49
CA HIS F 80 -4.29 10.11 -15.74
C HIS F 80 -5.47 10.28 -16.70
N THR F 81 -6.57 9.58 -16.41
CA THR F 81 -7.78 9.73 -17.21
C THR F 81 -9.00 9.69 -16.30
N GLU F 82 -10.06 10.35 -16.74
CA GLU F 82 -11.31 10.32 -16.02
C GLU F 82 -12.38 9.53 -16.78
N ALA F 83 -11.98 8.79 -17.81
CA ALA F 83 -12.94 8.23 -18.77
C ALA F 83 -13.72 7.07 -18.21
N PHE F 84 -13.16 6.32 -17.26
CA PHE F 84 -13.82 5.17 -16.66
C PHE F 84 -14.52 5.58 -15.37
N VAL F 85 -15.83 5.46 -15.33
CA VAL F 85 -16.60 5.74 -14.12
C VAL F 85 -17.06 4.41 -13.54
N PRO F 86 -16.70 4.07 -12.29
CA PRO F 86 -17.12 2.77 -11.74
C PRO F 86 -18.64 2.70 -11.65
N GLY F 87 -19.15 1.50 -11.85
CA GLY F 87 -20.58 1.28 -11.89
C GLY F 87 -21.23 1.65 -13.20
N GLN F 88 -20.48 2.21 -14.15
CA GLN F 88 -21.02 2.59 -15.44
C GLN F 88 -20.48 1.67 -16.54
N PRO F 89 -21.29 1.39 -17.56
CA PRO F 89 -20.77 0.69 -18.74
C PRO F 89 -19.81 1.59 -19.51
N PHE F 90 -18.87 0.95 -20.20
CA PHE F 90 -17.91 1.68 -21.02
C PHE F 90 -17.64 0.88 -22.29
N GLU F 91 -17.18 1.60 -23.30
CA GLU F 91 -16.76 1.00 -24.55
C GLU F 91 -15.29 1.34 -24.75
N LEU F 92 -14.45 0.31 -24.79
CA LEU F 92 -13.01 0.48 -24.90
C LEU F 92 -12.58 -0.03 -26.27
N GLN F 93 -11.96 0.84 -27.05
CA GLN F 93 -11.45 0.47 -28.36
C GLN F 93 -9.93 0.59 -28.43
N PHE F 94 -9.31 -0.42 -29.02
CA PHE F 94 -7.92 -0.41 -29.41
C PHE F 94 -7.85 -0.44 -30.94
N LEU F 95 -7.27 0.62 -31.51
CA LEU F 95 -7.02 0.72 -32.93
C LEU F 95 -5.55 0.43 -33.19
N VAL F 96 -5.26 -0.63 -33.94
CA VAL F 96 -3.88 -0.99 -34.26
C VAL F 96 -3.52 -0.36 -35.61
N LEU F 97 -2.58 0.58 -35.58
CA LEU F 97 -2.03 1.22 -36.79
C LEU F 97 -0.58 0.79 -36.98
N GLU F 98 0.00 1.22 -38.09
CA GLU F 98 1.37 0.83 -38.39
C GLU F 98 2.34 1.35 -37.34
N ASN F 99 2.07 2.54 -36.80
N ASN F 99 2.10 2.55 -36.82
CA ASN F 99 3.00 3.23 -35.91
CA ASN F 99 3.03 3.19 -35.89
C ASN F 99 2.67 3.09 -34.43
C ASN F 99 2.71 2.91 -34.43
N GLU F 100 1.43 2.75 -34.08
CA GLU F 100 1.03 2.76 -32.67
C GLU F 100 -0.32 2.08 -32.51
N TYR F 101 -0.67 1.81 -31.26
CA TYR F 101 -2.04 1.58 -30.84
C TYR F 101 -2.66 2.92 -30.44
N GLN F 102 -3.91 3.12 -30.82
CA GLN F 102 -4.68 4.24 -30.33
C GLN F 102 -5.80 3.69 -29.45
N VAL F 103 -6.03 4.37 -28.33
CA VAL F 103 -7.01 3.95 -27.33
C VAL F 103 -8.15 4.95 -27.29
N PHE F 104 -9.38 4.43 -27.35
CA PHE F 104 -10.58 5.22 -27.26
C PHE F 104 -11.48 4.64 -26.19
N VAL F 105 -12.11 5.51 -25.41
CA VAL F 105 -13.09 5.12 -24.40
C VAL F 105 -14.33 5.96 -24.64
N ASN F 106 -15.47 5.29 -24.84
CA ASN F 106 -16.73 5.96 -25.15
C ASN F 106 -16.55 7.03 -26.23
N ASN F 107 -15.90 6.62 -27.33
CA ASN F 107 -15.65 7.43 -28.52
C ASN F 107 -14.71 8.60 -28.30
N LYS F 108 -13.96 8.65 -27.19
CA LYS F 108 -12.99 9.72 -26.98
C LYS F 108 -11.58 9.17 -26.98
N PRO F 109 -10.64 9.83 -27.67
CA PRO F 109 -9.23 9.39 -27.60
C PRO F 109 -8.66 9.66 -26.22
N ILE F 110 -8.01 8.66 -25.63
CA ILE F 110 -7.46 8.89 -24.30
C ILE F 110 -5.94 8.78 -24.30
N CYS F 111 -5.36 7.92 -25.15
CA CYS F 111 -3.92 7.79 -25.19
C CYS F 111 -3.49 6.96 -26.41
N GLN F 112 -2.18 6.86 -26.60
CA GLN F 112 -1.59 6.10 -27.70
C GLN F 112 -0.35 5.38 -27.20
N PHE F 113 0.01 4.30 -27.89
CA PHE F 113 1.15 3.49 -27.49
C PHE F 113 1.92 3.10 -28.74
N ALA F 114 3.10 3.69 -28.91
CA ALA F 114 3.97 3.35 -30.03
C ALA F 114 4.47 1.92 -29.89
N HIS F 115 4.50 1.19 -31.01
CA HIS F 115 4.96 -0.20 -30.97
C HIS F 115 6.39 -0.31 -30.46
N ARG F 116 6.62 -1.26 -29.56
CA ARG F 116 7.95 -1.65 -29.12
C ARG F 116 8.38 -3.01 -29.63
N LEU F 117 7.45 -3.94 -29.76
CA LEU F 117 7.61 -5.20 -30.46
C LEU F 117 6.69 -5.22 -31.67
N PRO F 118 7.00 -6.01 -32.70
CA PRO F 118 6.18 -5.99 -33.91
C PRO F 118 4.73 -6.37 -33.62
N LEU F 119 3.79 -5.59 -34.17
CA LEU F 119 2.39 -5.93 -34.03
C LEU F 119 2.09 -7.31 -34.62
N GLN F 120 2.92 -7.76 -35.55
CA GLN F 120 2.76 -9.07 -36.17
C GLN F 120 3.05 -10.22 -35.21
N SER F 121 3.72 -9.95 -34.11
CA SER F 121 4.05 -11.00 -33.15
C SER F 121 2.96 -11.22 -32.11
N VAL F 122 1.94 -10.35 -32.05
CA VAL F 122 0.81 -10.56 -31.15
C VAL F 122 -0.02 -11.74 -31.65
N LYS F 123 -0.23 -12.73 -30.79
CA LYS F 123 -1.05 -13.87 -31.15
C LYS F 123 -2.25 -14.08 -30.25
N MET F 124 -2.33 -13.38 -29.12
CA MET F 124 -3.33 -13.68 -28.10
C MET F 124 -3.81 -12.40 -27.44
N LEU F 125 -5.12 -12.20 -27.44
CA LEU F 125 -5.75 -11.09 -26.74
C LEU F 125 -6.25 -11.58 -25.38
N ASP F 126 -5.98 -10.82 -24.32
CA ASP F 126 -6.38 -11.19 -22.98
C ASP F 126 -7.07 -10.01 -22.33
N VAL F 127 -8.29 -10.21 -21.85
CA VAL F 127 -9.08 -9.15 -21.19
C VAL F 127 -9.55 -9.66 -19.83
N ARG F 128 -9.26 -8.90 -18.77
CA ARG F 128 -9.70 -9.29 -17.44
C ARG F 128 -9.88 -8.06 -16.57
N GLY F 129 -10.44 -8.26 -15.39
CA GLY F 129 -10.50 -7.20 -14.40
C GLY F 129 -11.76 -7.27 -13.59
N ASP F 130 -11.94 -6.24 -12.77
CA ASP F 130 -13.13 -6.11 -11.94
C ASP F 130 -14.26 -5.54 -12.80
N ILE F 131 -14.70 -6.37 -13.74
CA ILE F 131 -15.68 -5.97 -14.75
C ILE F 131 -16.68 -7.08 -14.96
N VAL F 132 -17.84 -6.71 -15.48
CA VAL F 132 -18.73 -7.65 -16.15
C VAL F 132 -18.52 -7.43 -17.65
N LEU F 133 -17.98 -8.45 -18.32
CA LEU F 133 -17.59 -8.32 -19.71
C LEU F 133 -18.71 -8.82 -20.59
N THR F 134 -19.26 -7.92 -21.41
CA THR F 134 -20.42 -8.27 -22.21
C THR F 134 -20.09 -8.60 -23.66
N SER F 135 -19.06 -7.98 -24.25
CA SER F 135 -18.67 -8.36 -25.61
C SER F 135 -17.24 -7.92 -25.91
N VAL F 136 -16.61 -8.69 -26.79
CA VAL F 136 -15.32 -8.37 -27.40
C VAL F 136 -15.42 -8.67 -28.89
N ASP F 137 -15.09 -7.67 -29.71
CA ASP F 137 -15.20 -7.80 -31.16
C ASP F 137 -13.90 -7.36 -31.81
N THR F 138 -13.59 -7.96 -32.96
CA THR F 138 -12.41 -7.54 -33.70
C THR F 138 -12.75 -7.38 -35.17
N LEU F 139 -12.06 -6.44 -35.81
CA LEU F 139 -12.17 -6.24 -37.24
C LEU F 139 -10.85 -5.69 -37.71
N SER G 5 48.83 -7.60 -11.37
CA SER G 5 47.61 -8.34 -11.62
C SER G 5 46.41 -7.44 -11.86
N LEU G 6 45.21 -8.06 -12.20
CA LEU G 6 44.03 -7.33 -12.66
C LEU G 6 43.18 -6.87 -11.49
N PRO G 7 42.40 -5.80 -11.66
CA PRO G 7 41.45 -5.42 -10.61
C PRO G 7 40.51 -6.57 -10.26
N ASN G 8 40.10 -6.59 -9.00
CA ASN G 8 39.30 -7.65 -8.40
C ASN G 8 38.42 -7.01 -7.35
N PRO G 9 37.11 -6.88 -7.61
CA PRO G 9 36.30 -7.39 -8.74
C PRO G 9 36.68 -6.89 -10.14
N TYR G 10 36.56 -7.77 -11.13
CA TYR G 10 36.80 -7.47 -12.53
C TYR G 10 35.47 -7.31 -13.25
N LEU G 11 35.34 -6.27 -14.05
CA LEU G 11 34.12 -6.04 -14.82
C LEU G 11 34.46 -5.95 -16.30
N GLN G 12 33.57 -6.47 -17.14
CA GLN G 12 33.71 -6.29 -18.58
C GLN G 12 32.35 -6.36 -19.23
N SER G 13 31.97 -5.28 -19.91
CA SER G 13 30.78 -5.30 -20.76
C SER G 13 30.94 -6.38 -21.83
N VAL G 14 29.90 -7.20 -21.99
CA VAL G 14 29.95 -8.31 -22.94
C VAL G 14 28.68 -8.34 -23.78
N SER G 15 28.72 -9.15 -24.83
CA SER G 15 27.56 -9.46 -25.64
C SER G 15 27.68 -10.92 -26.07
N LEU G 16 26.88 -11.79 -25.49
CA LEU G 16 27.04 -13.22 -25.70
C LEU G 16 26.46 -13.64 -27.07
N THR G 17 26.85 -14.84 -27.52
CA THR G 17 26.29 -15.51 -28.69
C THR G 17 26.11 -16.99 -28.39
N VAL G 18 25.58 -17.73 -29.36
CA VAL G 18 25.44 -19.18 -29.22
C VAL G 18 26.76 -19.90 -29.45
N CYS G 19 27.83 -19.16 -29.68
CA CYS G 19 29.17 -19.74 -29.70
C CYS G 19 30.14 -18.71 -29.12
N TYR G 20 30.26 -18.73 -27.79
CA TYR G 20 31.00 -17.67 -27.12
C TYR G 20 31.81 -18.26 -25.97
N MET G 21 33.05 -17.79 -25.81
CA MET G 21 33.92 -18.33 -24.78
C MET G 21 34.49 -17.24 -23.87
N VAL G 22 34.46 -17.52 -22.56
CA VAL G 22 35.15 -16.72 -21.56
C VAL G 22 36.24 -17.60 -20.97
N LYS G 23 37.47 -17.10 -20.93
CA LYS G 23 38.57 -17.82 -20.31
C LYS G 23 39.18 -16.97 -19.21
N ILE G 24 39.16 -17.50 -17.98
CA ILE G 24 39.68 -16.82 -16.81
C ILE G 24 40.89 -17.60 -16.28
N LYS G 25 41.99 -16.89 -16.08
CA LYS G 25 43.19 -17.46 -15.46
C LYS G 25 43.45 -16.71 -14.17
N ALA G 26 43.64 -17.46 -13.08
CA ALA G 26 43.70 -16.88 -11.75
C ALA G 26 44.44 -17.83 -10.81
N ASN G 27 44.92 -17.28 -9.69
CA ASN G 27 45.51 -18.08 -8.62
C ASN G 27 44.56 -18.10 -7.44
N LEU G 28 44.18 -19.30 -7.01
CA LEU G 28 43.33 -19.44 -5.83
C LEU G 28 44.17 -19.20 -4.57
N LEU G 29 43.70 -18.31 -3.70
CA LEU G 29 44.47 -17.96 -2.52
C LEU G 29 44.32 -19.05 -1.45
N SER G 30 45.09 -18.88 -0.36
CA SER G 30 45.04 -19.75 0.81
C SER G 30 44.83 -18.91 2.06
N PRO G 31 43.68 -18.24 2.17
CA PRO G 31 43.44 -17.41 3.36
C PRO G 31 43.43 -18.28 4.62
N PHE G 32 44.11 -17.80 5.66
CA PHE G 32 44.16 -18.55 6.91
C PHE G 32 42.79 -18.60 7.56
N GLY G 33 42.39 -19.78 8.02
CA GLY G 33 41.14 -19.94 8.74
C GLY G 33 39.91 -19.50 7.95
N LYS G 34 39.90 -19.79 6.65
CA LYS G 34 38.83 -19.38 5.75
C LYS G 34 39.02 -20.12 4.43
N ASN G 35 37.95 -20.62 3.89
CA ASN G 35 38.16 -21.21 2.58
C ASN G 35 38.00 -20.15 1.48
N PRO G 36 38.94 -20.07 0.54
CA PRO G 36 38.80 -19.11 -0.56
C PRO G 36 37.55 -19.40 -1.38
N GLU G 37 36.90 -18.33 -1.81
CA GLU G 37 35.75 -18.48 -2.70
C GLU G 37 35.98 -17.73 -4.01
N LEU G 38 35.17 -18.09 -5.00
CA LEU G 38 35.27 -17.56 -6.34
C LEU G 38 33.86 -17.30 -6.84
N GLN G 39 33.67 -16.20 -7.55
CA GLN G 39 32.35 -15.90 -8.09
C GLN G 39 32.47 -15.26 -9.46
N VAL G 40 31.66 -15.76 -10.40
CA VAL G 40 31.58 -15.22 -11.75
C VAL G 40 30.12 -14.98 -12.07
N ASP G 41 29.76 -13.74 -12.37
CA ASP G 41 28.40 -13.37 -12.76
C ASP G 41 28.33 -13.08 -14.25
N PHE G 42 27.34 -13.66 -14.91
CA PHE G 42 26.89 -13.19 -16.22
C PHE G 42 25.62 -12.38 -15.96
N GLY G 43 25.79 -11.07 -15.76
CA GLY G 43 24.72 -10.20 -15.32
C GLY G 43 24.20 -9.27 -16.41
N THR G 44 23.31 -8.37 -15.99
CA THR G 44 22.58 -7.49 -16.94
C THR G 44 22.95 -6.00 -16.90
N GLY G 49 20.26 -4.22 -7.69
CA GLY G 49 20.11 -5.65 -7.87
C GLY G 49 19.32 -6.10 -9.10
N GLY G 50 19.80 -5.73 -10.30
CA GLY G 50 19.22 -6.24 -11.53
C GLY G 50 19.42 -7.73 -11.69
N ASP G 51 18.81 -8.27 -12.74
CA ASP G 51 18.81 -9.72 -12.93
C ASP G 51 20.22 -10.23 -13.21
N ILE G 52 20.47 -11.46 -12.77
CA ILE G 52 21.68 -12.21 -13.07
C ILE G 52 21.28 -13.53 -13.74
N PRO G 53 21.36 -13.61 -15.06
CA PRO G 53 21.01 -14.88 -15.72
C PRO G 53 21.81 -16.08 -15.25
N PHE G 54 23.06 -15.90 -14.85
CA PHE G 54 23.89 -17.04 -14.49
C PHE G 54 24.96 -16.58 -13.52
N ARG G 55 24.91 -17.07 -12.27
CA ARG G 55 25.99 -16.88 -11.31
C ARG G 55 26.66 -18.22 -11.06
N PHE G 56 27.99 -18.24 -11.15
CA PHE G 56 28.81 -19.38 -10.82
C PHE G 56 29.55 -19.09 -9.52
N TRP G 57 29.31 -19.89 -8.49
CA TRP G 57 29.93 -19.69 -7.20
C TRP G 57 30.66 -20.97 -6.77
N TYR G 58 31.86 -20.80 -6.24
CA TYR G 58 32.65 -21.92 -5.76
C TYR G 58 33.24 -21.60 -4.40
N CYS G 59 33.12 -22.55 -3.47
CA CYS G 59 33.87 -22.50 -2.23
C CYS G 59 33.95 -23.90 -1.65
N ASP G 60 35.15 -24.31 -1.24
CA ASP G 60 35.35 -25.49 -0.39
C ASP G 60 34.74 -26.76 -1.02
N GLY G 61 35.21 -27.08 -2.23
CA GLY G 61 34.75 -28.25 -2.93
C GLY G 61 33.31 -28.21 -3.42
N ILE G 62 32.59 -27.10 -3.27
CA ILE G 62 31.19 -26.98 -3.68
C ILE G 62 31.06 -25.91 -4.75
N VAL G 63 30.36 -26.24 -5.85
CA VAL G 63 29.90 -25.27 -6.83
C VAL G 63 28.40 -25.06 -6.62
N VAL G 64 27.97 -23.81 -6.58
CA VAL G 64 26.55 -23.47 -6.60
C VAL G 64 26.30 -22.54 -7.77
N MET G 65 25.32 -22.89 -8.61
CA MET G 65 24.93 -22.05 -9.74
C MET G 65 23.44 -21.71 -9.63
N ASN G 66 23.09 -20.49 -10.03
CA ASN G 66 21.71 -20.06 -9.85
C ASN G 66 21.48 -18.80 -10.66
N THR G 67 20.20 -18.43 -10.76
CA THR G 67 19.72 -17.28 -11.51
C THR G 67 18.95 -16.36 -10.58
N LEU G 68 19.18 -15.06 -10.74
CA LEU G 68 18.49 -14.03 -9.98
C LEU G 68 17.53 -13.32 -10.93
N LYS G 69 16.24 -13.43 -10.66
CA LYS G 69 15.22 -12.88 -11.55
C LYS G 69 14.20 -12.13 -10.71
N ASP G 70 14.03 -10.84 -10.98
CA ASP G 70 13.07 -9.99 -10.26
C ASP G 70 13.26 -10.08 -8.75
N GLY G 71 14.51 -10.06 -8.30
CA GLY G 71 14.80 -10.06 -6.88
C GLY G 71 14.72 -11.40 -6.20
N SER G 72 14.50 -12.48 -6.95
CA SER G 72 14.36 -13.80 -6.38
C SER G 72 15.37 -14.76 -7.01
N TRP G 73 16.18 -15.38 -6.18
CA TRP G 73 17.03 -16.47 -6.62
C TRP G 73 16.19 -17.73 -6.79
N GLY G 74 16.47 -18.47 -7.85
CA GLY G 74 15.75 -19.69 -8.15
C GLY G 74 16.30 -20.89 -7.43
N LYS G 75 15.95 -22.06 -7.93
CA LYS G 75 16.46 -23.30 -7.37
C LYS G 75 17.94 -23.46 -7.73
N GLU G 76 18.78 -23.67 -6.71
CA GLU G 76 20.20 -23.85 -6.95
C GLU G 76 20.47 -25.11 -7.76
N GLN G 77 21.57 -25.09 -8.50
CA GLN G 77 22.23 -26.29 -9.00
C GLN G 77 23.55 -26.42 -8.29
N LYS G 78 23.74 -27.53 -7.58
CA LYS G 78 24.82 -27.67 -6.62
C LYS G 78 25.53 -29.00 -6.87
N LEU G 79 26.86 -28.98 -6.81
CA LEU G 79 27.64 -30.19 -7.02
C LEU G 79 28.98 -30.04 -6.31
N HIS G 80 29.68 -31.15 -6.18
CA HIS G 80 31.03 -31.20 -5.63
C HIS G 80 32.06 -31.30 -6.75
N THR G 81 33.17 -30.61 -6.59
CA THR G 81 34.29 -30.76 -7.51
C THR G 81 35.58 -30.61 -6.72
N GLU G 82 36.60 -31.34 -7.16
CA GLU G 82 37.95 -31.23 -6.63
C GLU G 82 38.85 -30.41 -7.53
N ALA G 83 38.29 -29.65 -8.48
CA ALA G 83 39.10 -29.06 -9.53
C ALA G 83 39.88 -27.84 -9.06
N PHE G 84 39.45 -27.17 -8.00
CA PHE G 84 40.09 -25.94 -7.51
C PHE G 84 40.96 -26.26 -6.30
N VAL G 85 42.24 -26.50 -6.53
CA VAL G 85 43.21 -26.65 -5.45
C VAL G 85 43.64 -25.28 -4.93
N PRO G 86 43.38 -24.91 -3.67
CA PRO G 86 43.83 -23.60 -3.19
C PRO G 86 45.34 -23.49 -3.24
N GLY G 87 45.81 -22.27 -3.46
CA GLY G 87 47.21 -22.02 -3.70
C GLY G 87 47.71 -22.41 -5.08
N GLN G 88 46.85 -22.93 -5.96
CA GLN G 88 47.30 -23.31 -7.29
C GLN G 88 46.67 -22.43 -8.36
N PRO G 89 47.39 -22.13 -9.42
CA PRO G 89 46.77 -21.48 -10.58
C PRO G 89 45.74 -22.40 -11.22
N PHE G 90 44.66 -21.79 -11.70
CA PHE G 90 43.65 -22.55 -12.44
C PHE G 90 43.24 -21.77 -13.68
N GLU G 91 42.60 -22.49 -14.59
CA GLU G 91 42.02 -21.89 -15.78
C GLU G 91 40.55 -22.29 -15.82
N LEU G 92 39.67 -21.30 -15.77
CA LEU G 92 38.23 -21.50 -15.72
C LEU G 92 37.64 -21.04 -17.05
N GLN G 93 36.92 -21.94 -17.72
CA GLN G 93 36.33 -21.60 -19.01
C GLN G 93 34.81 -21.69 -18.94
N PHE G 94 34.16 -20.68 -19.50
CA PHE G 94 32.72 -20.70 -19.76
C PHE G 94 32.51 -20.68 -21.26
N LEU G 95 31.76 -21.65 -21.75
CA LEU G 95 31.37 -21.76 -23.14
C LEU G 95 29.87 -21.53 -23.20
N VAL G 96 29.46 -20.52 -23.95
CA VAL G 96 28.04 -20.21 -24.09
C VAL G 96 27.56 -20.85 -25.39
N LEU G 97 26.63 -21.79 -25.26
CA LEU G 97 25.96 -22.42 -26.39
C LEU G 97 24.48 -22.02 -26.37
N GLU G 98 23.76 -22.40 -27.43
CA GLU G 98 22.35 -22.05 -27.52
C GLU G 98 21.55 -22.57 -26.32
N ASN G 99 21.91 -23.75 -25.81
CA ASN G 99 21.14 -24.42 -24.78
C ASN G 99 21.70 -24.26 -23.38
N GLU G 100 22.99 -23.94 -23.23
CA GLU G 100 23.57 -24.02 -21.90
C GLU G 100 24.92 -23.31 -21.86
N TYR G 101 25.35 -22.99 -20.64
CA TYR G 101 26.74 -22.71 -20.35
C TYR G 101 27.43 -24.03 -20.05
N GLN G 102 28.60 -24.25 -20.65
CA GLN G 102 29.47 -25.36 -20.27
C GLN G 102 30.67 -24.80 -19.51
N VAL G 103 31.07 -25.50 -18.45
CA VAL G 103 32.08 -25.01 -17.51
C VAL G 103 33.25 -25.96 -17.53
N PHE G 104 34.47 -25.41 -17.65
CA PHE G 104 35.68 -26.21 -17.66
C PHE G 104 36.69 -25.61 -16.69
N VAL G 105 37.40 -26.48 -15.97
CA VAL G 105 38.52 -26.06 -15.15
C VAL G 105 39.74 -26.90 -15.54
N ASN G 106 40.83 -26.23 -15.91
CA ASN G 106 42.07 -26.89 -16.30
C ASN G 106 41.80 -27.96 -17.37
N ASN G 107 41.05 -27.54 -18.40
CA ASN G 107 40.74 -28.35 -19.58
CA ASN G 107 40.74 -28.35 -19.58
C ASN G 107 39.88 -29.57 -19.25
N LYS G 108 39.19 -29.56 -18.11
CA LYS G 108 38.31 -30.67 -17.77
C LYS G 108 36.87 -30.20 -17.66
N PRO G 109 35.92 -30.93 -18.23
CA PRO G 109 34.51 -30.55 -18.06
C PRO G 109 34.05 -30.74 -16.61
N ILE G 110 33.34 -29.74 -16.09
CA ILE G 110 32.97 -29.68 -14.68
C ILE G 110 31.45 -29.79 -14.50
N CYS G 111 30.70 -28.93 -15.17
CA CYS G 111 29.25 -28.86 -15.01
C CYS G 111 28.69 -28.00 -16.14
N GLN G 112 27.37 -28.01 -16.26
CA GLN G 112 26.66 -27.21 -17.25
C GLN G 112 25.44 -26.59 -16.62
N PHE G 113 25.00 -25.47 -17.20
CA PHE G 113 23.90 -24.70 -16.65
C PHE G 113 22.98 -24.34 -17.81
N ALA G 114 21.81 -24.97 -17.87
CA ALA G 114 20.83 -24.64 -18.90
C ALA G 114 20.35 -23.20 -18.74
N HIS G 115 20.13 -22.53 -19.87
CA HIS G 115 19.73 -21.14 -19.80
C HIS G 115 18.37 -20.99 -19.15
N ARG G 116 18.27 -20.07 -18.20
CA ARG G 116 17.00 -19.69 -17.59
C ARG G 116 16.48 -18.35 -18.08
N LEU G 117 17.38 -17.41 -18.32
CA LEU G 117 17.10 -16.14 -18.96
C LEU G 117 17.91 -16.07 -20.24
N PRO G 118 17.46 -15.31 -21.24
CA PRO G 118 18.14 -15.29 -22.53
C PRO G 118 19.60 -14.86 -22.41
N LEU G 119 20.49 -15.60 -23.09
CA LEU G 119 21.90 -15.21 -23.10
C LEU G 119 22.08 -13.84 -23.73
N GLN G 120 21.15 -13.43 -24.59
CA GLN G 120 21.17 -12.08 -25.17
C GLN G 120 20.97 -10.99 -24.11
N SER G 121 20.42 -11.33 -22.95
CA SER G 121 20.19 -10.32 -21.94
C SER G 121 21.40 -10.04 -21.07
N VAL G 122 22.45 -10.87 -21.15
CA VAL G 122 23.68 -10.59 -20.40
C VAL G 122 24.37 -9.39 -21.01
N LYS G 123 24.82 -8.46 -20.16
CA LYS G 123 25.54 -7.27 -20.61
C LYS G 123 26.86 -7.05 -19.90
N MET G 124 27.15 -7.79 -18.83
CA MET G 124 28.24 -7.46 -17.93
C MET G 124 28.79 -8.75 -17.32
N LEU G 125 30.06 -8.99 -17.53
CA LEU G 125 30.76 -10.08 -16.86
C LEU G 125 31.41 -9.53 -15.59
N ASP G 126 31.27 -10.25 -14.49
CA ASP G 126 31.83 -9.83 -13.21
C ASP G 126 32.60 -11.01 -12.63
N VAL G 127 33.89 -10.84 -12.41
CA VAL G 127 34.74 -11.87 -11.82
C VAL G 127 35.32 -11.33 -10.51
N ARG G 128 35.24 -12.14 -9.45
CA ARG G 128 35.71 -11.70 -8.15
C ARG G 128 35.95 -12.91 -7.26
N GLY G 129 36.56 -12.66 -6.11
CA GLY G 129 36.82 -13.70 -5.13
C GLY G 129 38.20 -13.64 -4.50
N ASP G 130 38.51 -14.64 -3.67
CA ASP G 130 39.81 -14.76 -3.00
C ASP G 130 40.84 -15.33 -3.98
N ILE G 131 41.15 -14.51 -4.99
CA ILE G 131 42.02 -14.93 -6.08
C ILE G 131 42.95 -13.78 -6.42
N VAL G 132 44.08 -14.12 -7.02
CA VAL G 132 44.84 -13.18 -7.84
C VAL G 132 44.42 -13.43 -9.29
N LEU G 133 43.75 -12.46 -9.89
CA LEU G 133 43.19 -12.60 -11.22
C LEU G 133 44.23 -12.11 -12.22
N THR G 134 44.74 -13.00 -13.05
CA THR G 134 45.80 -12.60 -13.97
C THR G 134 45.32 -12.27 -15.37
N SER G 135 44.30 -12.95 -15.91
CA SER G 135 43.79 -12.56 -17.22
C SER G 135 42.34 -13.00 -17.40
N VAL G 136 41.60 -12.22 -18.19
CA VAL G 136 40.27 -12.55 -18.63
C VAL G 136 40.20 -12.32 -20.14
N ASP G 137 39.73 -13.31 -20.89
CA ASP G 137 39.69 -13.23 -22.33
C ASP G 137 38.34 -13.73 -22.83
N THR G 138 37.86 -13.14 -23.93
CA THR G 138 36.60 -13.56 -24.52
C THR G 138 36.77 -13.66 -26.04
N LEU G 139 35.99 -14.54 -26.67
CA LEU G 139 36.01 -14.66 -28.12
C LEU G 139 34.65 -15.09 -28.68
N SER H 5 -2.95 -15.42 -41.79
CA SER H 5 -4.04 -16.17 -41.19
C SER H 5 -3.96 -16.21 -39.67
N LEU H 6 -4.93 -16.89 -39.00
CA LEU H 6 -5.13 -16.94 -37.56
C LEU H 6 -4.26 -18.01 -36.91
N PRO H 7 -3.90 -17.81 -35.64
CA PRO H 7 -3.20 -18.86 -34.89
C PRO H 7 -3.94 -20.19 -34.97
N ASN H 8 -3.16 -21.26 -34.97
CA ASN H 8 -3.69 -22.60 -35.08
C ASN H 8 -2.80 -23.50 -34.22
N PRO H 9 -3.33 -23.97 -33.08
CA PRO H 9 -4.73 -23.84 -32.63
C PRO H 9 -5.22 -22.44 -32.23
N TYR H 10 -6.53 -22.28 -32.33
CA TYR H 10 -7.23 -21.03 -32.07
C TYR H 10 -8.10 -21.21 -30.83
N LEU H 11 -8.01 -20.25 -29.91
CA LEU H 11 -8.82 -20.24 -28.70
C LEU H 11 -9.73 -19.02 -28.69
N GLN H 12 -10.94 -19.19 -28.17
CA GLN H 12 -11.82 -18.05 -27.92
C GLN H 12 -12.75 -18.37 -26.75
N SER H 13 -12.69 -17.54 -25.71
CA SER H 13 -13.67 -17.62 -24.64
C SER H 13 -15.06 -17.35 -25.21
N VAL H 14 -16.03 -18.18 -24.82
CA VAL H 14 -17.38 -18.04 -25.35
C VAL H 14 -18.39 -18.21 -24.22
N SER H 15 -19.60 -17.74 -24.50
CA SER H 15 -20.77 -17.98 -23.66
C SER H 15 -21.92 -18.32 -24.59
N LEU H 16 -22.35 -19.58 -24.60
CA LEU H 16 -23.36 -20.05 -25.54
C LEU H 16 -24.78 -19.70 -25.06
N THR H 17 -25.71 -19.71 -26.01
CA THR H 17 -27.14 -19.54 -25.74
C THR H 17 -27.89 -20.56 -26.57
N VAL H 18 -29.23 -20.56 -26.44
CA VAL H 18 -30.06 -21.48 -27.21
C VAL H 18 -30.29 -20.97 -28.62
N CYS H 19 -29.66 -19.85 -28.99
CA CYS H 19 -29.68 -19.38 -30.39
C CYS H 19 -28.33 -18.70 -30.62
N TYR H 20 -27.36 -19.48 -31.10
CA TYR H 20 -25.97 -19.09 -31.09
C TYR H 20 -25.25 -19.79 -32.24
N MET H 21 -24.41 -19.04 -32.97
CA MET H 21 -23.76 -19.57 -34.15
C MET H 21 -22.25 -19.35 -34.10
N VAL H 22 -21.51 -20.40 -34.46
CA VAL H 22 -20.08 -20.34 -34.73
C VAL H 22 -19.90 -20.56 -36.22
N LYS H 23 -19.15 -19.66 -36.89
CA LYS H 23 -18.82 -19.83 -38.30
C LYS H 23 -17.31 -19.82 -38.50
N ILE H 24 -16.80 -20.91 -39.05
CA ILE H 24 -15.37 -21.14 -39.23
C ILE H 24 -15.09 -21.22 -40.72
N LYS H 25 -14.15 -20.39 -41.19
CA LYS H 25 -13.70 -20.44 -42.57
C LYS H 25 -12.23 -20.85 -42.59
N ALA H 26 -11.93 -21.89 -43.35
CA ALA H 26 -10.56 -22.40 -43.37
C ALA H 26 -10.31 -23.11 -44.69
N ASN H 27 -9.03 -23.33 -44.97
CA ASN H 27 -8.60 -24.14 -46.11
C ASN H 27 -8.04 -25.45 -45.60
N LEU H 28 -8.56 -26.55 -46.12
CA LEU H 28 -8.05 -27.86 -45.76
C LEU H 28 -6.75 -28.12 -46.53
N LEU H 29 -5.68 -28.46 -45.81
CA LEU H 29 -4.41 -28.74 -46.44
C LEU H 29 -4.41 -30.13 -47.04
N SER H 30 -3.44 -30.37 -47.95
CA SER H 30 -3.22 -31.68 -48.57
C SER H 30 -1.79 -32.11 -48.26
N PRO H 31 -1.51 -32.51 -47.03
CA PRO H 31 -0.13 -32.91 -46.68
C PRO H 31 0.19 -34.25 -47.31
N PHE H 32 1.32 -34.31 -48.00
CA PHE H 32 1.86 -35.58 -48.45
C PHE H 32 2.16 -36.46 -47.25
N GLY H 33 1.59 -37.65 -47.22
CA GLY H 33 1.93 -38.59 -46.17
C GLY H 33 1.09 -38.54 -44.91
N LYS H 34 -0.01 -37.79 -44.90
CA LYS H 34 -0.98 -37.91 -43.83
C LYS H 34 -2.32 -37.36 -44.30
N ASN H 35 -3.38 -37.87 -43.71
CA ASN H 35 -4.69 -37.32 -44.00
C ASN H 35 -4.92 -36.07 -43.16
N PRO H 36 -5.37 -34.97 -43.74
CA PRO H 36 -5.60 -33.75 -42.95
C PRO H 36 -6.73 -33.96 -41.95
N GLU H 37 -6.50 -33.48 -40.72
CA GLU H 37 -7.45 -33.54 -39.62
C GLU H 37 -8.01 -32.15 -39.30
N LEU H 38 -9.19 -32.16 -38.71
CA LEU H 38 -9.83 -30.96 -38.20
C LEU H 38 -10.48 -31.33 -36.87
N GLN H 39 -10.34 -30.46 -35.88
CA GLN H 39 -10.92 -30.71 -34.57
C GLN H 39 -11.44 -29.41 -33.99
N VAL H 40 -12.69 -29.44 -33.52
CA VAL H 40 -13.32 -28.30 -32.87
C VAL H 40 -13.86 -28.74 -31.52
N ASP H 41 -13.38 -28.12 -30.45
CA ASP H 41 -13.82 -28.42 -29.09
C ASP H 41 -14.69 -27.28 -28.56
N PHE H 42 -15.88 -27.63 -28.08
CA PHE H 42 -16.65 -26.77 -27.18
C PHE H 42 -16.39 -27.28 -25.78
N GLY H 43 -15.47 -26.62 -25.07
CA GLY H 43 -14.95 -27.12 -23.81
C GLY H 43 -15.30 -26.24 -22.61
N THR H 44 -15.09 -26.82 -21.42
CA THR H 44 -15.37 -26.08 -20.20
C THR H 44 -14.28 -25.07 -19.85
N GLY H 45 -13.11 -25.15 -20.48
CA GLY H 45 -12.03 -24.27 -20.09
C GLY H 45 -11.68 -24.40 -18.62
N THR H 46 -11.39 -25.64 -18.18
CA THR H 46 -11.06 -25.94 -16.78
C THR H 46 -9.79 -26.78 -16.68
N GLY H 47 -8.83 -26.58 -17.57
CA GLY H 47 -7.55 -27.25 -17.49
C GLY H 47 -7.40 -28.40 -18.47
N GLN H 48 -6.29 -29.14 -18.28
CA GLN H 48 -5.93 -30.18 -19.23
C GLN H 48 -6.86 -31.38 -19.15
N GLY H 49 -7.44 -31.64 -17.98
CA GLY H 49 -8.38 -32.73 -17.93
C GLY H 49 -9.85 -32.37 -18.11
N GLY H 50 -10.17 -31.09 -18.28
CA GLY H 50 -11.53 -30.61 -18.11
C GLY H 50 -12.51 -31.20 -19.12
N ASP H 51 -13.78 -31.10 -18.77
CA ASP H 51 -14.84 -31.67 -19.59
C ASP H 51 -14.95 -30.95 -20.92
N ILE H 52 -15.35 -31.71 -21.93
CA ILE H 52 -15.64 -31.20 -23.25
C ILE H 52 -17.07 -31.61 -23.58
N PRO H 53 -18.04 -30.72 -23.37
CA PRO H 53 -19.42 -31.04 -23.77
C PRO H 53 -19.56 -31.54 -25.19
N PHE H 54 -18.74 -31.07 -26.13
CA PHE H 54 -18.90 -31.44 -27.53
C PHE H 54 -17.57 -31.25 -28.25
N ARG H 55 -17.00 -32.34 -28.74
CA ARG H 55 -15.87 -32.31 -29.68
C ARG H 55 -16.35 -32.74 -31.04
N PHE H 56 -15.99 -31.97 -32.06
CA PHE H 56 -16.21 -32.31 -33.45
C PHE H 56 -14.88 -32.63 -34.10
N TRP H 57 -14.76 -33.80 -34.71
CA TRP H 57 -13.52 -34.24 -35.32
C TRP H 57 -13.82 -34.79 -36.70
N TYR H 58 -12.97 -34.43 -37.66
CA TYR H 58 -13.14 -34.91 -39.03
C TYR H 58 -11.80 -35.35 -39.57
N CYS H 59 -11.79 -36.46 -40.29
CA CYS H 59 -10.63 -36.88 -41.05
C CYS H 59 -11.04 -37.92 -42.08
N ASP H 60 -10.65 -37.72 -43.32
CA ASP H 60 -10.71 -38.76 -44.35
C ASP H 60 -12.13 -39.30 -44.52
N GLY H 61 -13.07 -38.39 -44.74
CA GLY H 61 -14.46 -38.76 -44.96
C GLY H 61 -15.25 -39.17 -43.73
N ILE H 62 -14.71 -38.98 -42.53
CA ILE H 62 -15.30 -39.49 -41.30
C ILE H 62 -15.44 -38.36 -40.29
N VAL H 63 -16.65 -38.18 -39.76
CA VAL H 63 -16.88 -37.30 -38.62
C VAL H 63 -17.06 -38.15 -37.38
N VAL H 64 -16.34 -37.81 -36.31
CA VAL H 64 -16.54 -38.41 -35.00
C VAL H 64 -16.85 -37.29 -34.01
N MET H 65 -17.98 -37.42 -33.31
CA MET H 65 -18.40 -36.45 -32.29
C MET H 65 -18.60 -37.19 -30.97
N ASN H 66 -18.22 -36.54 -29.86
CA ASN H 66 -18.28 -37.20 -28.57
C ASN H 66 -18.19 -36.14 -27.46
N THR H 67 -18.28 -36.62 -26.22
CA THR H 67 -18.26 -35.82 -25.00
C THR H 67 -17.23 -36.39 -24.04
N LEU H 68 -16.39 -35.53 -23.49
CA LEU H 68 -15.50 -35.87 -22.38
C LEU H 68 -16.13 -35.43 -21.07
N LYS H 69 -16.42 -36.39 -20.19
CA LYS H 69 -17.03 -36.09 -18.90
C LYS H 69 -16.28 -36.82 -17.80
N ASP H 70 -15.75 -36.04 -16.84
CA ASP H 70 -15.06 -36.58 -15.67
C ASP H 70 -13.98 -37.58 -16.06
N GLY H 71 -13.21 -37.24 -17.08
CA GLY H 71 -12.07 -38.03 -17.48
C GLY H 71 -12.35 -39.12 -18.47
N SER H 72 -13.61 -39.31 -18.85
CA SER H 72 -14.01 -40.44 -19.69
C SER H 72 -14.79 -39.96 -20.91
N TRP H 73 -14.42 -40.46 -22.08
CA TRP H 73 -15.19 -40.21 -23.29
C TRP H 73 -16.38 -41.17 -23.36
N GLY H 74 -17.45 -40.70 -23.97
CA GLY H 74 -18.67 -41.46 -24.08
C GLY H 74 -18.77 -42.24 -25.37
N LYS H 75 -19.98 -42.70 -25.67
CA LYS H 75 -20.21 -43.42 -26.91
C LYS H 75 -20.21 -42.41 -28.04
N GLU H 76 -19.30 -42.57 -29.00
CA GLU H 76 -19.12 -41.57 -30.03
C GLU H 76 -20.25 -41.63 -31.04
N GLN H 77 -20.52 -40.48 -31.66
CA GLN H 77 -21.39 -40.42 -32.83
C GLN H 77 -20.52 -40.29 -34.07
N LYS H 78 -20.68 -41.22 -35.01
CA LYS H 78 -19.77 -41.36 -36.15
C LYS H 78 -20.57 -41.45 -37.44
N LEU H 79 -20.11 -40.75 -38.47
CA LEU H 79 -20.80 -40.72 -39.74
C LEU H 79 -19.79 -40.45 -40.85
N HIS H 80 -20.23 -40.67 -42.08
CA HIS H 80 -19.44 -40.45 -43.27
C HIS H 80 -19.92 -39.19 -43.97
N THR H 81 -18.97 -38.38 -44.43
CA THR H 81 -19.35 -37.22 -45.21
C THR H 81 -18.28 -36.95 -46.25
N GLU H 82 -18.74 -36.45 -47.39
CA GLU H 82 -17.86 -36.00 -48.45
C GLU H 82 -17.75 -34.48 -48.51
N ALA H 83 -18.17 -33.78 -47.46
CA ALA H 83 -18.34 -32.33 -47.56
C ALA H 83 -17.00 -31.59 -47.55
N PHE H 84 -15.99 -32.11 -46.87
CA PHE H 84 -14.68 -31.46 -46.78
C PHE H 84 -13.80 -31.89 -47.94
N VAL H 85 -13.83 -31.12 -49.02
CA VAL H 85 -12.94 -31.36 -50.16
C VAL H 85 -11.54 -30.88 -49.80
N PRO H 86 -10.55 -31.77 -49.67
CA PRO H 86 -9.21 -31.31 -49.29
C PRO H 86 -8.58 -30.47 -50.38
N GLY H 87 -7.79 -29.48 -49.96
CA GLY H 87 -7.29 -28.49 -50.87
C GLY H 87 -8.25 -27.35 -51.15
N GLN H 88 -9.51 -27.44 -50.69
CA GLN H 88 -10.48 -26.37 -50.96
C GLN H 88 -10.81 -25.59 -49.69
N PRO H 89 -11.16 -24.33 -49.83
CA PRO H 89 -11.72 -23.59 -48.69
C PRO H 89 -13.09 -24.16 -48.33
N PHE H 90 -13.38 -24.18 -47.04
CA PHE H 90 -14.68 -24.61 -46.56
C PHE H 90 -15.20 -23.62 -45.54
N GLU H 91 -16.52 -23.67 -45.35
CA GLU H 91 -17.22 -22.92 -44.31
C GLU H 91 -17.87 -23.94 -43.39
N LEU H 92 -17.53 -23.93 -42.12
CA LEU H 92 -18.05 -24.85 -41.13
C LEU H 92 -18.87 -24.08 -40.10
N GLN H 93 -20.15 -24.42 -39.98
CA GLN H 93 -21.05 -23.74 -39.07
C GLN H 93 -21.51 -24.68 -37.96
N PHE H 94 -21.46 -24.19 -36.73
CA PHE H 94 -22.09 -24.82 -35.58
C PHE H 94 -23.23 -23.91 -35.11
N LEU H 95 -24.45 -24.42 -35.16
CA LEU H 95 -25.64 -23.74 -34.65
C LEU H 95 -26.01 -24.35 -33.31
N VAL H 96 -25.96 -23.55 -32.24
CA VAL H 96 -26.28 -24.01 -30.90
C VAL H 96 -27.76 -23.73 -30.64
N LEU H 97 -28.55 -24.80 -30.49
CA LEU H 97 -29.97 -24.73 -30.16
C LEU H 97 -30.22 -25.34 -28.79
N GLU H 98 -31.47 -25.23 -28.33
N GLU H 98 -31.46 -25.24 -28.32
CA GLU H 98 -31.82 -25.73 -27.01
CA GLU H 98 -31.77 -25.73 -26.98
C GLU H 98 -31.52 -27.22 -26.88
C GLU H 98 -31.56 -27.23 -26.86
N ASN H 99 -31.77 -27.99 -27.95
CA ASN H 99 -31.69 -29.43 -27.89
C ASN H 99 -30.39 -30.00 -28.45
N GLU H 100 -29.71 -29.30 -29.37
CA GLU H 100 -28.62 -29.92 -30.10
C GLU H 100 -27.73 -28.87 -30.70
N TYR H 101 -26.53 -29.30 -31.11
CA TYR H 101 -25.73 -28.58 -32.10
C TYR H 101 -26.12 -29.09 -33.47
N GLN H 102 -26.33 -28.19 -34.41
CA GLN H 102 -26.48 -28.53 -35.82
C GLN H 102 -25.21 -28.09 -36.54
N VAL H 103 -24.70 -28.96 -37.42
CA VAL H 103 -23.45 -28.69 -38.13
C VAL H 103 -23.78 -28.47 -39.61
N PHE H 104 -23.26 -27.38 -40.18
CA PHE H 104 -23.37 -27.15 -41.62
C PHE H 104 -21.97 -26.95 -42.21
N VAL H 105 -21.74 -27.56 -43.37
CA VAL H 105 -20.55 -27.31 -44.18
C VAL H 105 -21.00 -26.77 -45.52
N ASN H 106 -20.49 -25.60 -45.90
CA ASN H 106 -20.80 -24.94 -47.17
C ASN H 106 -22.32 -24.88 -47.40
N ASN H 107 -23.03 -24.44 -46.37
CA ASN H 107 -24.48 -24.20 -46.41
C ASN H 107 -25.28 -25.48 -46.55
N LYS H 108 -24.75 -26.61 -46.12
CA LYS H 108 -25.49 -27.85 -46.20
C LYS H 108 -25.44 -28.56 -44.85
N PRO H 109 -26.54 -29.14 -44.41
CA PRO H 109 -26.54 -29.82 -43.11
C PRO H 109 -25.83 -31.16 -43.22
N ILE H 110 -24.98 -31.43 -42.23
CA ILE H 110 -24.14 -32.62 -42.22
C ILE H 110 -24.55 -33.58 -41.12
N CYS H 111 -24.83 -33.07 -39.92
CA CYS H 111 -25.06 -33.90 -38.76
C CYS H 111 -25.49 -32.99 -37.62
N GLN H 112 -26.06 -33.59 -36.58
CA GLN H 112 -26.45 -32.88 -35.37
C GLN H 112 -26.05 -33.72 -34.16
N PHE H 113 -25.91 -33.04 -33.03
CA PHE H 113 -25.37 -33.64 -31.81
C PHE H 113 -26.19 -33.15 -30.63
N ALA H 114 -27.02 -34.04 -30.08
CA ALA H 114 -27.84 -33.70 -28.92
C ALA H 114 -26.96 -33.40 -27.72
N HIS H 115 -27.39 -32.43 -26.91
CA HIS H 115 -26.58 -32.01 -25.77
C HIS H 115 -26.49 -33.14 -24.75
N ARG H 116 -25.26 -33.44 -24.31
CA ARG H 116 -25.02 -34.37 -23.22
C ARG H 116 -24.66 -33.65 -21.93
N LEU H 117 -23.88 -32.58 -22.03
CA LEU H 117 -23.62 -31.68 -20.93
C LEU H 117 -24.28 -30.34 -21.22
N PRO H 118 -24.54 -29.53 -20.20
CA PRO H 118 -25.25 -28.27 -20.44
C PRO H 118 -24.44 -27.35 -21.35
N LEU H 119 -25.11 -26.80 -22.37
CA LEU H 119 -24.49 -25.82 -23.25
C LEU H 119 -24.02 -24.60 -22.47
N GLN H 120 -24.62 -24.36 -21.30
CA GLN H 120 -24.22 -23.28 -20.40
C GLN H 120 -22.83 -23.51 -19.83
N SER H 121 -22.36 -24.75 -19.80
CA SER H 121 -21.08 -25.03 -19.16
C SER H 121 -19.89 -24.77 -20.08
N VAL H 122 -20.13 -24.64 -21.39
CA VAL H 122 -19.07 -24.37 -22.35
C VAL H 122 -18.52 -22.97 -22.15
N LYS H 123 -17.19 -22.87 -21.99
CA LYS H 123 -16.53 -21.59 -21.79
C LYS H 123 -15.39 -21.31 -22.76
N MET H 124 -14.95 -22.30 -23.55
CA MET H 124 -13.77 -22.14 -24.39
C MET H 124 -14.03 -22.85 -25.71
N LEU H 125 -13.91 -22.11 -26.80
CA LEU H 125 -13.94 -22.69 -28.14
C LEU H 125 -12.51 -22.93 -28.60
N ASP H 126 -12.24 -24.14 -29.06
CA ASP H 126 -10.92 -24.51 -29.56
C ASP H 126 -11.07 -25.00 -31.00
N VAL H 127 -10.20 -24.51 -31.87
CA VAL H 127 -10.21 -24.86 -33.30
C VAL H 127 -8.78 -25.17 -33.71
N ARG H 128 -8.59 -26.31 -34.40
CA ARG H 128 -7.24 -26.69 -34.83
C ARG H 128 -7.34 -27.74 -35.91
N GLY H 129 -6.22 -27.97 -36.57
CA GLY H 129 -6.11 -29.07 -37.50
C GLY H 129 -5.10 -28.73 -38.58
N ASP H 130 -5.07 -29.61 -39.59
CA ASP H 130 -4.25 -29.42 -40.78
C ASP H 130 -5.02 -28.49 -41.73
N ILE H 131 -5.11 -27.23 -41.31
CA ILE H 131 -5.88 -26.21 -42.02
C ILE H 131 -5.07 -24.92 -42.00
N VAL H 132 -5.43 -24.04 -42.92
CA VAL H 132 -5.14 -22.62 -42.81
C VAL H 132 -6.44 -21.97 -42.34
N LEU H 133 -6.43 -21.42 -41.13
CA LEU H 133 -7.63 -20.86 -40.54
C LEU H 133 -7.71 -19.37 -40.89
N THR H 134 -8.71 -18.98 -41.66
CA THR H 134 -8.81 -17.59 -42.06
C THR H 134 -9.75 -16.76 -41.19
N SER H 135 -10.85 -17.34 -40.69
CA SER H 135 -11.71 -16.56 -39.81
C SER H 135 -12.54 -17.47 -38.91
N VAL H 136 -12.84 -16.96 -37.72
CA VAL H 136 -13.76 -17.56 -36.76
C VAL H 136 -14.68 -16.44 -36.27
N ASP H 137 -16.00 -16.62 -36.44
CA ASP H 137 -16.95 -15.62 -35.98
C ASP H 137 -18.05 -16.26 -35.15
N THR H 138 -18.55 -15.48 -34.18
CA THR H 138 -19.66 -15.92 -33.34
C THR H 138 -20.72 -14.84 -33.28
N LEU H 139 -21.97 -15.27 -33.20
CA LEU H 139 -23.07 -14.34 -32.95
C LEU H 139 -24.08 -14.94 -31.96
#